data_9IUP
#
_entry.id   9IUP
#
_cell.length_a   1.00
_cell.length_b   1.00
_cell.length_c   1.00
_cell.angle_alpha   90.00
_cell.angle_beta   90.00
_cell.angle_gamma   90.00
#
_symmetry.space_group_name_H-M   'P 1'
#
loop_
_entity.id
_entity.type
_entity.pdbx_description
1 polymer 'Processed angiotensin-converting enzyme 2'
2 polymer 'Spike protein S1'
3 non-polymer 2-acetamido-2-deoxy-beta-D-glucopyranose
#
loop_
_entity_poly.entity_id
_entity_poly.type
_entity_poly.pdbx_seq_one_letter_code
_entity_poly.pdbx_strand_id
1 'polypeptide(L)'
;STIEEQAKTFLDKFNHEAEDLFYQSSLASWNYNTNITEENVQNMNNAGDKWSAFLKEQSTLAQMYPLQEIQNLTVKLQLQ
ALQQNGSSVLSEDKSKRLNTILNTMSTIYSTGKVCNPDNPQECLLLEPGLNEIMANSLDYNERLWAWESWRSEVGKQLRP
LYEEYVVLKNEMARANHYEDYGDYWRGDYEVNGVDGYDYSRGQLIEDVEHTFEEIKPLYEHLHAYVRAKLMNAYPSYISP
IGCLPAHLLGDMWGRFWTNLYSLTVPFGQKPNIDVTDAMVDQAWDAQRIFKEAEKFFVSVGLPNMTQGFWENSMLTDPGN
VQKAVCHPTAWDLGKGDFRILMCTKVTMDDFLTAHHEMGHIQYDMAYAAQPFLLRNGANEGFHEAVGEIMSLSAATPKHL
KSIGLLSPDFQEDNETEINFLLKQALTIVGTLPFTYMLEKWRWMVFKGEIPKDQWMKKWWEMKREIVGVVEPVPHDETYC
DPASLFHVSNDYSFIRYYTRTLYQFQFQEALCQAAKHEGPLHKCDISNSTEAGQKLFNMLRLGKSEPWTLALENVVGAKN
MNVRPLLNYFEPLFTWLKDQNKNSFVGWSTDWSP
;
A
2 'polypeptide(L)'
;NLCPFHEVFNATRFASVYAWNRTRISNCVADYSVLYNFAPFFAFKCYGVSPTKLNDLCFTNVYADSFVIKGNEVSQIAPG
QTGNIADYNYKLPDDFTGCVIAWNSNKLDSKHSGNYDYWYRSLRKSKLKPFERDISTEIYQAGNKPCKGKGPNCYFPLES
YGFRPTYGVGHQPYRVVVLSFELLHAPATVCGP
;
B
#
loop_
_chem_comp.id
_chem_comp.type
_chem_comp.name
_chem_comp.formula
NAG D-saccharide, beta linking 2-acetamido-2-deoxy-beta-D-glucopyranose 'C8 H15 N O6'
#
# COMPACT_ATOMS: atom_id res chain seq x y z
N SER A 1 2.06 35.34 11.97
CA SER A 1 2.09 33.99 11.42
C SER A 1 3.04 33.10 12.21
N THR A 2 2.47 32.15 12.96
CA THR A 2 3.27 31.23 13.75
C THR A 2 3.92 30.18 12.85
N ILE A 3 4.88 29.46 13.44
CA ILE A 3 5.61 28.43 12.70
C ILE A 3 4.64 27.33 12.28
N GLU A 4 3.70 27.00 13.17
CA GLU A 4 2.68 26.00 12.88
C GLU A 4 1.73 26.46 11.79
N GLU A 5 1.59 27.77 11.58
CA GLU A 5 0.72 28.29 10.53
C GLU A 5 1.44 28.46 9.19
N GLN A 6 2.77 28.55 9.17
CA GLN A 6 3.53 28.59 7.89
C GLN A 6 3.84 27.15 7.47
N ALA A 7 4.00 26.27 8.44
CA ALA A 7 4.20 24.86 8.17
C ALA A 7 3.04 24.44 7.33
N LYS A 8 1.83 24.74 7.75
CA LYS A 8 0.62 24.29 7.01
C LYS A 8 0.60 24.81 5.57
N THR A 9 0.98 26.05 5.26
CA THR A 9 1.01 26.46 3.82
C THR A 9 2.10 25.71 3.07
N PHE A 10 3.29 25.53 3.61
CA PHE A 10 4.31 24.82 2.83
C PHE A 10 3.74 23.46 2.57
N LEU A 11 3.23 22.81 3.60
CA LEU A 11 2.78 21.41 3.44
C LEU A 11 1.69 21.43 2.39
N ASP A 12 0.86 22.45 2.24
CA ASP A 12 -0.21 22.36 1.20
C ASP A 12 0.36 22.37 -0.23
N LYS A 13 1.24 23.28 -0.55
CA LYS A 13 1.91 23.26 -1.85
C LYS A 13 2.69 21.94 -2.01
N PHE A 14 3.36 21.43 -0.98
CA PHE A 14 4.02 20.11 -1.16
C PHE A 14 2.93 19.18 -1.64
N ASN A 15 1.92 18.97 -0.84
CA ASN A 15 0.84 18.03 -1.20
C ASN A 15 0.49 18.23 -2.67
N HIS A 16 0.07 19.41 -3.15
CA HIS A 16 -0.35 19.51 -4.59
C HIS A 16 0.74 19.11 -5.57
N GLU A 17 1.88 19.77 -5.54
CA GLU A 17 2.87 19.43 -6.58
C GLU A 17 3.32 17.98 -6.45
N ALA A 18 3.37 17.41 -5.26
CA ALA A 18 3.84 16.04 -5.06
C ALA A 18 2.83 15.08 -5.60
N GLU A 19 1.56 15.29 -5.38
CA GLU A 19 0.51 14.47 -6.01
C GLU A 19 0.71 14.55 -7.53
N ASP A 20 0.91 15.73 -8.09
CA ASP A 20 1.10 15.73 -9.56
C ASP A 20 2.34 14.94 -9.95
N LEU A 21 3.48 15.09 -9.27
CA LEU A 21 4.74 14.42 -9.68
C LEU A 21 4.71 12.93 -9.35
N PHE A 22 3.84 12.45 -8.47
CA PHE A 22 3.72 10.99 -8.25
C PHE A 22 2.79 10.43 -9.31
N TYR A 23 1.70 11.10 -9.63
CA TYR A 23 0.84 10.46 -10.65
C TYR A 23 1.62 10.45 -11.87
N GLN A 24 2.57 11.36 -12.01
CA GLN A 24 3.37 11.24 -13.23
C GLN A 24 4.35 10.08 -13.14
N SER A 25 5.07 9.98 -12.02
CA SER A 25 6.06 8.92 -11.85
C SER A 25 5.40 7.55 -11.81
N SER A 26 4.27 7.42 -11.11
CA SER A 26 3.59 6.14 -11.04
C SER A 26 3.01 5.72 -12.38
N LEU A 27 2.50 6.69 -13.16
CA LEU A 27 2.03 6.36 -14.50
C LEU A 27 3.18 5.90 -15.38
N ALA A 28 4.33 6.56 -15.27
CA ALA A 28 5.50 6.12 -16.04
C ALA A 28 5.93 4.71 -15.64
N SER A 29 5.95 4.43 -14.34
CA SER A 29 6.32 3.10 -13.86
C SER A 29 5.33 2.04 -14.33
N TRP A 30 4.04 2.37 -14.29
CA TRP A 30 3.02 1.44 -14.78
C TRP A 30 3.18 1.19 -16.27
N ASN A 31 3.49 2.24 -17.04
CA ASN A 31 3.69 2.06 -18.48
C ASN A 31 4.91 1.20 -18.75
N TYR A 32 5.97 1.35 -17.97
CA TYR A 32 7.14 0.48 -18.11
C TYR A 32 6.76 -0.97 -17.80
N ASN A 33 6.14 -1.20 -16.65
CA ASN A 33 5.87 -2.56 -16.21
C ASN A 33 4.90 -3.27 -17.16
N THR A 34 3.88 -2.56 -17.65
CA THR A 34 2.94 -3.16 -18.59
C THR A 34 3.61 -3.42 -19.94
N ASN A 35 4.40 -2.46 -20.43
CA ASN A 35 5.07 -2.57 -21.72
C ASN A 35 6.54 -2.20 -21.52
N ILE A 36 7.41 -3.21 -21.58
CA ILE A 36 8.84 -2.99 -21.37
C ILE A 36 9.47 -2.61 -22.70
N THR A 37 9.93 -1.37 -22.80
CA THR A 37 10.57 -0.87 -24.02
C THR A 37 11.52 0.24 -23.62
N GLU A 38 12.50 0.52 -24.47
CA GLU A 38 13.57 1.46 -24.11
C GLU A 38 13.02 2.85 -23.80
N GLU A 39 12.08 3.34 -24.61
CA GLU A 39 11.51 4.66 -24.35
C GLU A 39 10.73 4.67 -23.03
N ASN A 40 10.08 3.55 -22.70
CA ASN A 40 9.38 3.47 -21.41
C ASN A 40 10.35 3.55 -20.25
N VAL A 41 11.48 2.85 -20.35
CA VAL A 41 12.50 2.91 -19.29
C VAL A 41 13.06 4.33 -19.18
N GLN A 42 13.33 4.96 -20.31
CA GLN A 42 13.85 6.34 -20.29
C GLN A 42 12.85 7.29 -19.64
N ASN A 43 11.57 7.17 -19.99
CA ASN A 43 10.54 8.03 -19.41
C ASN A 43 10.41 7.80 -17.91
N MET A 44 10.42 6.54 -17.48
CA MET A 44 10.33 6.27 -16.05
C MET A 44 11.54 6.82 -15.31
N ASN A 45 12.73 6.68 -15.89
CA ASN A 45 13.93 7.21 -15.24
C ASN A 45 13.87 8.74 -15.14
N ASN A 46 13.39 9.40 -16.20
CA ASN A 46 13.26 10.85 -16.15
C ASN A 46 12.26 11.27 -15.08
N ALA A 47 11.11 10.59 -15.01
CA ALA A 47 10.11 10.92 -14.00
C ALA A 47 10.65 10.67 -12.60
N GLY A 48 11.37 9.57 -12.40
CA GLY A 48 11.95 9.29 -11.09
C GLY A 48 13.00 10.31 -10.69
N ASP A 49 13.83 10.74 -11.65
CA ASP A 49 14.82 11.78 -11.35
C ASP A 49 14.13 13.08 -10.98
N LYS A 50 13.07 13.46 -11.69
CA LYS A 50 12.34 14.67 -11.35
C LYS A 50 11.71 14.57 -9.96
N TRP A 51 11.12 13.41 -9.65
CA TRP A 51 10.50 13.22 -8.35
C TRP A 51 11.52 13.27 -7.23
N SER A 52 12.68 12.64 -7.43
CA SER A 52 13.74 12.66 -6.42
C SER A 52 14.29 14.06 -6.22
N ALA A 53 14.48 14.82 -7.31
CA ALA A 53 14.95 16.19 -7.18
C ALA A 53 13.94 17.05 -6.43
N PHE A 54 12.65 16.88 -6.74
CA PHE A 54 11.63 17.63 -6.02
C PHE A 54 11.60 17.27 -4.54
N LEU A 55 11.72 15.98 -4.23
CA LEU A 55 11.75 15.57 -2.83
C LEU A 55 12.94 16.15 -2.10
N LYS A 56 14.12 16.13 -2.74
CA LYS A 56 15.31 16.71 -2.12
C LYS A 56 15.15 18.20 -1.89
N GLU A 57 14.62 18.92 -2.88
CA GLU A 57 14.43 20.36 -2.73
C GLU A 57 13.45 20.67 -1.61
N GLN A 58 12.34 19.93 -1.54
CA GLN A 58 11.36 20.18 -0.49
C GLN A 58 11.91 19.81 0.89
N SER A 59 12.71 18.75 0.96
CA SER A 59 13.33 18.39 2.23
C SER A 59 14.30 19.46 2.70
N THR A 60 15.06 20.03 1.77
CA THR A 60 15.96 21.13 2.12
C THR A 60 15.16 22.36 2.57
N LEU A 61 14.05 22.64 1.90
CA LEU A 61 13.23 23.80 2.26
C LEU A 61 12.47 23.61 3.56
N ALA A 62 12.20 22.38 3.96
CA ALA A 62 11.43 22.11 5.17
C ALA A 62 12.27 22.16 6.43
N GLN A 63 13.59 22.35 6.32
CA GLN A 63 14.44 22.43 7.50
C GLN A 63 14.23 23.70 8.31
N MET A 64 13.54 24.69 7.76
CA MET A 64 13.34 25.96 8.42
C MET A 64 12.21 25.96 9.43
N TYR A 65 11.47 24.85 9.54
CA TYR A 65 10.38 24.75 10.51
C TYR A 65 10.78 23.77 11.61
N PRO A 66 11.19 24.25 12.78
CA PRO A 66 11.58 23.33 13.85
C PRO A 66 10.37 22.63 14.44
N LEU A 67 10.61 21.41 14.93
CA LEU A 67 9.54 20.62 15.52
C LEU A 67 9.18 21.04 16.94
N GLN A 68 10.03 21.83 17.59
CA GLN A 68 9.73 22.30 18.94
C GLN A 68 8.57 23.29 18.94
N GLU A 69 8.44 24.09 17.89
CA GLU A 69 7.38 25.08 17.78
C GLU A 69 6.14 24.56 17.07
N ILE A 70 6.12 23.28 16.70
CA ILE A 70 4.97 22.66 16.05
C ILE A 70 4.14 21.96 17.12
N GLN A 71 2.85 22.28 17.15
CA GLN A 71 1.93 21.71 18.14
C GLN A 71 0.95 20.71 17.56
N ASN A 72 0.48 20.90 16.34
CA ASN A 72 -0.45 19.96 15.72
C ASN A 72 0.25 18.63 15.47
N LEU A 73 -0.46 17.54 15.73
CA LEU A 73 0.15 16.21 15.60
C LEU A 73 0.31 15.82 14.14
N THR A 74 -0.71 16.07 13.31
CA THR A 74 -0.62 15.69 11.90
C THR A 74 0.45 16.50 11.18
N VAL A 75 0.51 17.81 11.44
CA VAL A 75 1.52 18.65 10.82
C VAL A 75 2.92 18.22 11.28
N LYS A 76 3.06 17.89 12.57
CA LYS A 76 4.34 17.41 13.07
C LYS A 76 4.74 16.09 12.39
N LEU A 77 3.79 15.19 12.20
CA LEU A 77 4.08 13.93 11.53
C LEU A 77 4.51 14.16 10.09
N GLN A 78 3.81 15.04 9.38
CA GLN A 78 4.18 15.33 7.99
C GLN A 78 5.57 15.96 7.91
N LEU A 79 5.87 16.89 8.82
CA LEU A 79 7.19 17.51 8.83
C LEU A 79 8.28 16.50 9.16
N GLN A 80 8.01 15.61 10.11
CA GLN A 80 8.98 14.56 10.44
C GLN A 80 9.23 13.66 9.24
N ALA A 81 8.19 13.29 8.51
CA ALA A 81 8.37 12.50 7.30
C ALA A 81 9.02 13.29 6.19
N LEU A 82 9.01 14.63 6.28
CA LEU A 82 9.59 15.48 5.24
C LEU A 82 10.96 16.04 5.61
N GLN A 83 11.28 16.14 6.90
CA GLN A 83 12.53 16.75 7.34
C GLN A 83 13.68 15.75 7.39
N GLN A 84 13.46 14.49 7.03
CA GLN A 84 14.51 13.49 7.10
C GLN A 84 15.65 13.84 6.14
N ASN A 85 16.87 13.85 6.66
CA ASN A 85 18.03 14.14 5.82
C ASN A 85 18.29 13.01 4.83
N GLY A 86 18.07 11.76 5.25
CA GLY A 86 18.31 10.64 4.36
C GLY A 86 19.79 10.40 4.14
N SER A 87 20.15 10.10 2.89
CA SER A 87 21.53 9.85 2.52
C SER A 87 22.27 11.12 2.11
N SER A 88 21.62 12.28 2.17
CA SER A 88 22.28 13.53 1.83
C SER A 88 23.17 14.06 2.94
N VAL A 89 23.12 13.46 4.13
CA VAL A 89 23.97 13.91 5.23
C VAL A 89 25.43 13.52 5.02
N LEU A 90 25.68 12.50 4.20
CA LEU A 90 27.05 12.08 3.94
C LEU A 90 27.74 13.06 2.99
N SER A 91 29.05 12.87 2.83
CA SER A 91 29.79 13.62 1.83
C SER A 91 29.37 13.17 0.43
N GLU A 92 29.62 14.05 -0.55
CA GLU A 92 29.22 13.74 -1.92
C GLU A 92 29.93 12.49 -2.43
N ASP A 93 31.24 12.38 -2.18
CA ASP A 93 31.95 11.17 -2.58
C ASP A 93 31.45 9.95 -1.83
N LYS A 94 31.19 10.10 -0.52
CA LYS A 94 30.67 8.97 0.26
C LYS A 94 29.27 8.59 -0.20
N SER A 95 28.42 9.57 -0.50
CA SER A 95 27.08 9.26 -1.00
C SER A 95 27.15 8.54 -2.35
N LYS A 96 28.02 9.00 -3.24
CA LYS A 96 28.18 8.32 -4.53
C LYS A 96 28.69 6.90 -4.33
N ARG A 97 29.65 6.71 -3.41
CA ARG A 97 30.15 5.37 -3.13
C ARG A 97 29.05 4.48 -2.60
N LEU A 98 28.21 4.99 -1.70
CA LEU A 98 27.12 4.20 -1.15
C LEU A 98 26.12 3.82 -2.22
N ASN A 99 25.77 4.77 -3.09
CA ASN A 99 24.84 4.45 -4.18
C ASN A 99 25.43 3.39 -5.10
N THR A 100 26.72 3.52 -5.44
CA THR A 100 27.35 2.55 -6.34
C THR A 100 27.41 1.17 -5.71
N ILE A 101 27.74 1.09 -4.42
CA ILE A 101 27.87 -0.22 -3.78
C ILE A 101 26.49 -0.88 -3.64
N LEU A 102 25.46 -0.09 -3.33
CA LEU A 102 24.11 -0.64 -3.33
C LEU A 102 23.73 -1.15 -4.71
N ASN A 103 24.06 -0.39 -5.76
CA ASN A 103 23.72 -0.78 -7.12
C ASN A 103 24.42 -2.08 -7.51
N THR A 104 25.71 -2.21 -7.17
CA THR A 104 26.42 -3.42 -7.56
C THR A 104 25.96 -4.62 -6.74
N MET A 105 25.60 -4.40 -5.48
CA MET A 105 24.99 -5.47 -4.69
C MET A 105 23.70 -5.97 -5.36
N SER A 106 22.84 -5.04 -5.76
CA SER A 106 21.59 -5.44 -6.39
C SER A 106 21.86 -6.16 -7.71
N THR A 107 22.79 -5.66 -8.52
CA THR A 107 23.03 -6.24 -9.83
C THR A 107 23.78 -7.56 -9.74
N ILE A 108 24.48 -7.82 -8.64
CA ILE A 108 25.16 -9.11 -8.51
C ILE A 108 24.21 -10.14 -7.89
N TYR A 109 23.27 -9.70 -7.05
CA TYR A 109 22.25 -10.63 -6.58
C TYR A 109 21.30 -11.01 -7.72
N SER A 110 20.92 -10.04 -8.55
CA SER A 110 19.96 -10.32 -9.62
C SER A 110 20.57 -11.18 -10.71
N THR A 111 21.80 -10.89 -11.11
CA THR A 111 22.44 -11.56 -12.24
C THR A 111 23.28 -12.76 -11.83
N GLY A 112 23.26 -13.13 -10.55
CA GLY A 112 24.04 -14.27 -10.12
C GLY A 112 23.57 -15.57 -10.75
N LYS A 113 24.52 -16.46 -11.03
CA LYS A 113 24.22 -17.74 -11.64
C LYS A 113 25.13 -18.81 -11.03
N VAL A 114 24.69 -20.06 -11.14
CA VAL A 114 25.44 -21.18 -10.62
C VAL A 114 25.95 -22.06 -11.76
N CYS A 115 27.17 -21.82 -12.20
CA CYS A 115 27.81 -22.62 -13.24
C CYS A 115 28.77 -23.65 -12.68
N ASN A 116 28.84 -23.79 -11.35
CA ASN A 116 29.78 -24.73 -10.74
C ASN A 116 29.54 -26.18 -11.14
N PRO A 117 28.31 -26.72 -11.11
CA PRO A 117 28.13 -28.13 -11.47
C PRO A 117 28.57 -28.42 -12.90
N ASP A 118 29.23 -29.57 -13.07
CA ASP A 118 29.72 -30.03 -14.37
C ASP A 118 30.55 -28.96 -15.06
N ASN A 119 30.12 -28.55 -16.26
CA ASN A 119 30.78 -27.57 -17.08
C ASN A 119 30.06 -26.22 -17.00
N PRO A 120 30.77 -25.11 -17.22
CA PRO A 120 30.12 -23.79 -17.16
C PRO A 120 29.10 -23.55 -18.27
N GLN A 121 28.85 -24.52 -19.15
CA GLN A 121 27.85 -24.33 -20.19
C GLN A 121 26.46 -24.16 -19.59
N GLU A 122 26.13 -24.95 -18.58
CA GLU A 122 24.84 -24.89 -17.91
C GLU A 122 24.97 -23.98 -16.69
N CYS A 123 24.62 -22.71 -16.85
CA CYS A 123 24.63 -21.73 -15.76
C CYS A 123 23.21 -21.60 -15.23
N LEU A 124 22.98 -22.10 -14.02
CA LEU A 124 21.64 -22.15 -13.43
C LEU A 124 21.30 -20.78 -12.86
N LEU A 125 20.35 -20.09 -13.48
CA LEU A 125 19.87 -18.83 -12.94
C LEU A 125 19.01 -19.08 -11.70
N LEU A 126 19.05 -18.15 -10.76
CA LEU A 126 18.40 -18.33 -9.48
C LEU A 126 16.89 -18.46 -9.63
N GLU A 127 16.27 -17.49 -10.31
CA GLU A 127 14.80 -17.44 -10.35
C GLU A 127 14.17 -18.65 -11.03
N PRO A 128 14.56 -19.04 -12.27
CA PRO A 128 13.89 -20.19 -12.89
C PRO A 128 14.44 -21.54 -12.42
N GLY A 129 15.74 -21.59 -12.12
CA GLY A 129 16.39 -22.86 -11.84
C GLY A 129 16.50 -23.22 -10.37
N LEU A 130 17.03 -22.29 -9.55
CA LEU A 130 17.29 -22.61 -8.15
C LEU A 130 15.99 -22.79 -7.38
N ASN A 131 14.99 -21.94 -7.62
CA ASN A 131 13.70 -22.09 -6.95
C ASN A 131 13.04 -23.40 -7.35
N GLU A 132 13.10 -23.76 -8.63
CA GLU A 132 12.52 -25.02 -9.07
C GLU A 132 13.23 -26.22 -8.45
N ILE A 133 14.55 -26.17 -8.38
CA ILE A 133 15.31 -27.30 -7.82
C ILE A 133 15.20 -27.37 -6.30
N MET A 134 14.87 -26.26 -5.63
CA MET A 134 14.71 -26.27 -4.18
C MET A 134 13.28 -26.52 -3.74
N ALA A 135 12.29 -26.28 -4.60
CA ALA A 135 10.91 -26.52 -4.23
C ALA A 135 10.66 -28.00 -3.97
N ASN A 136 11.19 -28.87 -4.82
CA ASN A 136 11.06 -30.31 -4.65
C ASN A 136 12.35 -31.00 -5.05
N SER A 137 12.83 -31.89 -4.18
CA SER A 137 14.04 -32.66 -4.45
C SER A 137 14.15 -33.83 -3.48
N LEU A 138 14.38 -35.03 -4.01
CA LEU A 138 14.50 -36.23 -3.21
C LEU A 138 15.94 -36.68 -3.01
N ASP A 139 16.91 -35.86 -3.42
CA ASP A 139 18.32 -36.20 -3.29
C ASP A 139 19.01 -35.17 -2.40
N TYR A 140 19.69 -35.66 -1.37
CA TYR A 140 20.42 -34.78 -0.45
C TYR A 140 21.60 -34.11 -1.15
N ASN A 141 22.30 -34.86 -2.01
CA ASN A 141 23.56 -34.38 -2.58
C ASN A 141 23.33 -33.16 -3.46
N GLU A 142 22.32 -33.20 -4.32
CA GLU A 142 22.08 -32.07 -5.23
C GLU A 142 21.66 -30.83 -4.46
N ARG A 143 20.80 -30.99 -3.45
CA ARG A 143 20.40 -29.84 -2.64
C ARG A 143 21.59 -29.23 -1.92
N LEU A 144 22.43 -30.08 -1.31
CA LEU A 144 23.61 -29.57 -0.63
C LEU A 144 24.56 -28.85 -1.59
N TRP A 145 24.78 -29.44 -2.76
CA TRP A 145 25.69 -28.84 -3.73
C TRP A 145 25.17 -27.48 -4.19
N ALA A 146 23.88 -27.40 -4.54
CA ALA A 146 23.32 -26.12 -4.99
C ALA A 146 23.38 -25.08 -3.89
N TRP A 147 22.99 -25.46 -2.67
CA TRP A 147 23.00 -24.51 -1.56
C TRP A 147 24.41 -23.99 -1.29
N GLU A 148 25.38 -24.90 -1.23
CA GLU A 148 26.76 -24.49 -0.95
C GLU A 148 27.31 -23.63 -2.08
N SER A 149 27.03 -23.98 -3.34
CA SER A 149 27.53 -23.21 -4.46
C SER A 149 26.97 -21.80 -4.44
N TRP A 150 25.66 -21.66 -4.21
CA TRP A 150 25.07 -20.32 -4.17
C TRP A 150 25.61 -19.51 -2.99
N ARG A 151 25.70 -20.14 -1.81
CA ARG A 151 26.20 -19.41 -0.64
C ARG A 151 27.64 -18.97 -0.84
N SER A 152 28.48 -19.83 -1.42
CA SER A 152 29.86 -19.45 -1.67
C SER A 152 29.96 -18.34 -2.70
N GLU A 153 29.27 -18.49 -3.84
CA GLU A 153 29.34 -17.48 -4.88
C GLU A 153 28.77 -16.14 -4.42
N VAL A 154 27.93 -16.13 -3.39
CA VAL A 154 27.46 -14.86 -2.85
C VAL A 154 28.44 -14.31 -1.83
N GLY A 155 28.82 -15.12 -0.83
CA GLY A 155 29.63 -14.60 0.26
C GLY A 155 31.03 -14.22 -0.16
N LYS A 156 31.69 -15.07 -0.96
CA LYS A 156 33.07 -14.80 -1.34
C LYS A 156 33.21 -13.54 -2.17
N GLN A 157 32.10 -13.03 -2.72
CA GLN A 157 32.13 -11.80 -3.49
C GLN A 157 31.52 -10.61 -2.76
N LEU A 158 30.67 -10.83 -1.75
CA LEU A 158 30.01 -9.73 -1.07
C LEU A 158 30.41 -9.56 0.39
N ARG A 159 31.39 -10.32 0.90
CA ARG A 159 31.79 -10.12 2.29
C ARG A 159 32.41 -8.74 2.52
N PRO A 160 33.52 -8.37 1.86
CA PRO A 160 34.03 -7.00 2.04
C PRO A 160 33.06 -5.95 1.55
N LEU A 161 32.30 -6.25 0.49
CA LEU A 161 31.30 -5.32 0.00
C LEU A 161 30.21 -5.08 1.04
N TYR A 162 29.74 -6.15 1.69
CA TYR A 162 28.75 -5.96 2.75
C TYR A 162 29.34 -5.25 3.95
N GLU A 163 30.61 -5.49 4.27
CA GLU A 163 31.23 -4.74 5.36
C GLU A 163 31.26 -3.24 5.06
N GLU A 164 31.62 -2.87 3.83
CA GLU A 164 31.63 -1.46 3.45
C GLU A 164 30.22 -0.88 3.48
N TYR A 165 29.24 -1.65 3.01
CA TYR A 165 27.84 -1.19 3.05
C TYR A 165 27.38 -0.96 4.47
N VAL A 166 27.72 -1.88 5.38
CA VAL A 166 27.34 -1.74 6.78
C VAL A 166 27.99 -0.51 7.38
N VAL A 167 29.29 -0.30 7.10
CA VAL A 167 29.99 0.86 7.66
C VAL A 167 29.36 2.16 7.16
N LEU A 168 29.07 2.24 5.86
CA LEU A 168 28.50 3.45 5.30
C LEU A 168 27.11 3.72 5.86
N LYS A 169 26.28 2.68 5.97
CA LYS A 169 24.93 2.87 6.50
C LYS A 169 24.97 3.26 7.97
N ASN A 170 25.87 2.66 8.75
CA ASN A 170 26.02 3.03 10.15
C ASN A 170 26.45 4.48 10.29
N GLU A 171 27.40 4.91 9.45
CA GLU A 171 27.83 6.30 9.50
C GLU A 171 26.68 7.25 9.15
N MET A 172 25.90 6.90 8.13
CA MET A 172 24.76 7.73 7.75
C MET A 172 23.75 7.82 8.89
N ALA A 173 23.43 6.68 9.51
CA ALA A 173 22.47 6.69 10.60
C ALA A 173 22.99 7.49 11.80
N ARG A 174 24.28 7.36 12.12
CA ARG A 174 24.85 8.13 13.21
C ARG A 174 24.80 9.62 12.92
N ALA A 175 25.10 10.01 11.69
CA ALA A 175 25.00 11.42 11.30
C ALA A 175 23.55 11.89 11.20
N ASN A 176 22.59 10.97 11.17
CA ASN A 176 21.17 11.30 11.07
C ASN A 176 20.50 11.41 12.44
N HIS A 177 21.27 11.80 13.46
CA HIS A 177 20.77 11.95 14.83
C HIS A 177 20.15 10.64 15.34
N TYR A 178 20.79 9.52 15.01
CA TYR A 178 20.33 8.22 15.49
C TYR A 178 21.49 7.47 16.15
N GLU A 179 21.26 6.21 16.50
CA GLU A 179 22.28 5.38 17.14
C GLU A 179 22.99 4.47 16.15
N ASP A 180 22.24 3.75 15.32
CA ASP A 180 22.82 2.90 14.29
C ASP A 180 21.75 2.69 13.23
N TYR A 181 22.08 1.87 12.22
CA TYR A 181 21.13 1.65 11.13
C TYR A 181 19.91 0.88 11.60
N GLY A 182 20.08 -0.05 12.54
CA GLY A 182 18.92 -0.73 13.11
C GLY A 182 17.98 0.23 13.81
N ASP A 183 18.54 1.21 14.53
CA ASP A 183 17.72 2.24 15.15
C ASP A 183 16.99 3.06 14.11
N TYR A 184 17.65 3.38 12.99
CA TYR A 184 17.00 4.11 11.92
C TYR A 184 15.84 3.31 11.33
N TRP A 185 16.03 2.00 11.15
CA TRP A 185 14.94 1.17 10.66
C TRP A 185 13.80 1.09 11.66
N ARG A 186 14.11 0.94 12.95
CA ARG A 186 13.08 0.89 13.98
C ARG A 186 12.42 2.24 14.22
N GLY A 187 12.97 3.32 13.67
CA GLY A 187 12.40 4.64 13.85
C GLY A 187 11.04 4.85 13.21
N ASP A 188 10.44 3.81 12.65
CA ASP A 188 9.08 3.90 12.11
C ASP A 188 8.03 3.23 12.98
N TYR A 189 8.41 2.26 13.81
CA TYR A 189 7.55 1.79 14.90
C TYR A 189 7.74 2.65 16.14
N GLU A 190 7.66 3.97 15.97
CA GLU A 190 7.95 4.91 17.06
C GLU A 190 6.85 5.95 17.13
N VAL A 191 6.32 6.15 18.33
CA VAL A 191 5.30 7.16 18.58
C VAL A 191 5.76 8.01 19.76
N ASN A 192 5.76 9.32 19.59
CA ASN A 192 6.11 10.25 20.66
C ASN A 192 5.40 11.57 20.41
N GLY A 193 4.71 12.06 21.42
CA GLY A 193 3.98 13.32 21.31
C GLY A 193 2.59 13.26 21.89
N VAL A 194 2.05 12.05 22.04
CA VAL A 194 0.73 11.84 22.62
C VAL A 194 0.86 10.91 23.81
N ASP A 195 0.20 11.26 24.91
CA ASP A 195 0.26 10.47 26.12
C ASP A 195 -0.66 9.26 26.04
N GLY A 196 -0.24 8.18 26.69
CA GLY A 196 -0.99 6.93 26.71
C GLY A 196 -0.67 6.02 25.54
N TYR A 197 -0.54 6.58 24.35
CA TYR A 197 -0.18 5.83 23.14
C TYR A 197 1.21 6.30 22.72
N ASP A 198 2.24 5.68 23.29
CA ASP A 198 3.62 6.03 22.97
C ASP A 198 4.42 4.75 22.78
N TYR A 199 5.45 4.85 21.95
CA TYR A 199 6.27 3.70 21.61
C TYR A 199 7.73 4.12 21.45
N SER A 200 8.63 3.16 21.64
CA SER A 200 10.06 3.40 21.50
C SER A 200 10.68 2.20 20.80
N ARG A 201 11.85 2.44 20.20
CA ARG A 201 12.56 1.37 19.49
C ARG A 201 13.00 0.28 20.46
N GLY A 202 13.49 0.67 21.64
CA GLY A 202 13.77 -0.33 22.66
C GLY A 202 12.51 -1.04 23.12
N GLN A 203 11.39 -0.31 23.19
CA GLN A 203 10.11 -0.94 23.47
C GLN A 203 9.73 -1.92 22.37
N LEU A 204 10.02 -1.59 21.11
CA LEU A 204 9.77 -2.51 20.01
C LEU A 204 10.63 -3.77 20.17
N ILE A 205 11.90 -3.62 20.54
CA ILE A 205 12.77 -4.77 20.74
C ILE A 205 12.23 -5.66 21.84
N GLU A 206 11.83 -5.06 22.96
CA GLU A 206 11.31 -5.84 24.08
C GLU A 206 10.00 -6.52 23.72
N ASP A 207 9.12 -5.83 22.98
CA ASP A 207 7.86 -6.43 22.58
C ASP A 207 8.08 -7.60 21.64
N VAL A 208 9.01 -7.46 20.68
CA VAL A 208 9.30 -8.55 19.77
C VAL A 208 9.86 -9.75 20.55
N GLU A 209 10.77 -9.48 21.50
CA GLU A 209 11.34 -10.56 22.29
C GLU A 209 10.27 -11.28 23.11
N HIS A 210 9.38 -10.53 23.75
CA HIS A 210 8.34 -11.13 24.57
C HIS A 210 7.35 -11.93 23.71
N THR A 211 6.96 -11.39 22.56
CA THR A 211 6.05 -12.10 21.67
C THR A 211 6.68 -13.40 21.18
N PHE A 212 7.96 -13.36 20.81
CA PHE A 212 8.62 -14.60 20.40
C PHE A 212 8.72 -15.59 21.56
N GLU A 213 8.99 -15.08 22.77
CA GLU A 213 9.09 -15.97 23.92
C GLU A 213 7.78 -16.69 24.19
N GLU A 214 6.66 -15.97 24.07
CA GLU A 214 5.36 -16.59 24.29
C GLU A 214 4.84 -17.34 23.07
N ILE A 215 5.46 -17.18 21.91
CA ILE A 215 5.10 -17.95 20.73
C ILE A 215 5.99 -19.17 20.51
N LYS A 216 7.09 -19.29 21.25
CA LYS A 216 8.03 -20.39 21.07
C LYS A 216 7.42 -21.78 21.11
N PRO A 217 6.54 -22.14 22.07
CA PRO A 217 6.08 -23.54 22.14
C PRO A 217 5.40 -24.04 20.88
N LEU A 218 4.57 -23.22 20.23
CA LEU A 218 3.87 -23.67 19.03
C LEU A 218 4.85 -23.95 17.90
N TYR A 219 5.80 -23.04 17.67
CA TYR A 219 6.80 -23.28 16.64
C TYR A 219 7.69 -24.46 16.98
N GLU A 220 7.98 -24.67 18.27
CA GLU A 220 8.79 -25.82 18.67
C GLU A 220 8.06 -27.12 18.36
N HIS A 221 6.76 -27.18 18.65
CA HIS A 221 5.99 -28.38 18.34
C HIS A 221 5.92 -28.61 16.84
N LEU A 222 5.72 -27.54 16.07
CA LEU A 222 5.70 -27.67 14.61
C LEU A 222 7.05 -28.15 14.09
N HIS A 223 8.14 -27.63 14.64
CA HIS A 223 9.47 -28.04 14.24
C HIS A 223 9.71 -29.51 14.56
N ALA A 224 9.25 -29.97 15.73
CA ALA A 224 9.38 -31.38 16.05
C ALA A 224 8.59 -32.25 15.09
N TYR A 225 7.36 -31.82 14.75
CA TYR A 225 6.54 -32.58 13.82
C TYR A 225 7.19 -32.68 12.45
N VAL A 226 7.68 -31.56 11.92
CA VAL A 226 8.29 -31.59 10.60
C VAL A 226 9.61 -32.34 10.62
N ARG A 227 10.35 -32.29 11.74
CA ARG A 227 11.58 -33.07 11.85
C ARG A 227 11.27 -34.56 11.83
N ALA A 228 10.24 -34.99 12.55
CA ALA A 228 9.84 -36.39 12.51
C ALA A 228 9.41 -36.81 11.10
N LYS A 229 8.64 -35.95 10.43
CA LYS A 229 8.20 -36.28 9.07
C LYS A 229 9.38 -36.39 8.12
N LEU A 230 10.35 -35.47 8.23
CA LEU A 230 11.53 -35.54 7.37
C LEU A 230 12.40 -36.75 7.70
N MET A 231 12.49 -37.12 8.98
CA MET A 231 13.19 -38.34 9.34
C MET A 231 12.53 -39.56 8.70
N ASN A 232 11.21 -39.60 8.70
CA ASN A 232 10.51 -40.67 8.00
C ASN A 232 10.82 -40.63 6.51
N ALA A 233 10.86 -39.43 5.92
CA ALA A 233 11.17 -39.30 4.51
C ALA A 233 12.66 -39.52 4.22
N TYR A 234 13.54 -38.96 5.04
CA TYR A 234 14.98 -39.02 4.80
C TYR A 234 15.64 -39.98 5.78
N PRO A 235 16.20 -41.10 5.32
CA PRO A 235 16.82 -42.05 6.24
C PRO A 235 18.25 -41.64 6.59
N SER A 236 18.53 -41.61 7.89
CA SER A 236 19.88 -41.39 8.42
C SER A 236 20.46 -40.06 7.93
N TYR A 237 19.73 -38.98 8.20
CA TYR A 237 20.18 -37.64 7.86
C TYR A 237 20.02 -36.62 8.98
N ILE A 238 19.18 -36.87 9.98
CA ILE A 238 18.94 -35.93 11.07
C ILE A 238 19.12 -36.67 12.39
N SER A 239 19.49 -35.91 13.43
CA SER A 239 19.67 -36.42 14.78
C SER A 239 18.35 -36.36 15.55
N PRO A 240 18.05 -37.39 16.36
CA PRO A 240 16.80 -37.37 17.13
C PRO A 240 16.67 -36.19 18.08
N ILE A 241 17.79 -35.73 18.65
CA ILE A 241 17.78 -34.63 19.61
C ILE A 241 18.49 -33.40 19.06
N GLY A 242 18.70 -33.35 17.73
CA GLY A 242 19.42 -32.26 17.11
C GLY A 242 18.57 -31.55 16.06
N CYS A 243 19.04 -30.37 15.68
CA CYS A 243 18.36 -29.55 14.69
C CYS A 243 18.56 -30.12 13.29
N LEU A 244 17.49 -30.02 12.48
CA LEU A 244 17.54 -30.50 11.11
C LEU A 244 18.33 -29.54 10.22
N PRO A 245 18.98 -30.06 9.17
CA PRO A 245 19.75 -29.18 8.29
C PRO A 245 18.87 -28.14 7.61
N ALA A 246 19.46 -26.97 7.37
CA ALA A 246 18.69 -25.82 6.91
C ALA A 246 18.29 -25.94 5.45
N HIS A 247 19.12 -26.58 4.63
CA HIS A 247 18.90 -26.55 3.18
C HIS A 247 17.70 -27.38 2.75
N LEU A 248 17.10 -28.16 3.63
CA LEU A 248 15.89 -28.91 3.30
C LEU A 248 14.61 -28.19 3.70
N LEU A 249 14.72 -26.95 4.16
CA LEU A 249 13.56 -26.18 4.63
C LEU A 249 12.80 -25.56 3.45
N GLY A 250 12.37 -26.43 2.54
CA GLY A 250 11.62 -25.96 1.37
C GLY A 250 12.43 -24.99 0.54
N ASP A 251 12.07 -23.71 0.63
CA ASP A 251 12.85 -22.65 0.00
C ASP A 251 14.29 -22.70 0.48
N MET A 252 15.21 -22.30 -0.41
CA MET A 252 16.63 -22.35 -0.08
C MET A 252 16.95 -21.45 1.11
N TRP A 253 16.36 -20.26 1.15
CA TRP A 253 16.59 -19.33 2.25
C TRP A 253 16.01 -19.83 3.56
N GLY A 254 15.03 -20.72 3.52
CA GLY A 254 14.36 -21.17 4.72
C GLY A 254 13.33 -20.20 5.27
N ARG A 255 13.00 -19.15 4.52
CA ARG A 255 12.04 -18.16 5.00
C ARG A 255 10.64 -18.73 5.12
N PHE A 256 10.21 -19.52 4.13
CA PHE A 256 8.88 -20.10 4.10
C PHE A 256 9.00 -21.62 4.05
N TRP A 257 8.08 -22.30 4.74
CA TRP A 257 8.05 -23.75 4.78
C TRP A 257 6.89 -24.32 3.96
N THR A 258 6.34 -23.53 3.03
CA THR A 258 5.18 -23.97 2.27
C THR A 258 5.48 -25.18 1.39
N ASN A 259 6.73 -25.32 0.96
CA ASN A 259 7.10 -26.41 0.05
C ASN A 259 7.26 -27.75 0.75
N LEU A 260 7.21 -27.78 2.07
CA LEU A 260 7.35 -29.03 2.82
C LEU A 260 6.01 -29.72 3.06
N TYR A 261 4.91 -29.17 2.55
CA TYR A 261 3.61 -29.79 2.75
C TYR A 261 3.50 -31.14 2.05
N SER A 262 4.23 -31.33 0.95
CA SER A 262 4.16 -32.58 0.21
C SER A 262 4.65 -33.75 1.06
N LEU A 263 5.72 -33.56 1.82
CA LEU A 263 6.28 -34.60 2.66
C LEU A 263 5.69 -34.62 4.06
N THR A 264 4.80 -33.68 4.39
CA THR A 264 4.22 -33.57 5.73
C THR A 264 2.71 -33.54 5.65
N VAL A 265 2.13 -34.46 4.88
CA VAL A 265 0.67 -34.53 4.75
C VAL A 265 0.09 -35.24 5.96
N PRO A 266 -0.75 -34.57 6.76
CA PRO A 266 -1.39 -35.26 7.89
C PRO A 266 -2.29 -36.40 7.46
N PHE A 267 -2.94 -36.28 6.30
CA PHE A 267 -3.87 -37.31 5.82
C PHE A 267 -3.74 -37.37 4.30
N GLY A 268 -2.98 -38.35 3.81
CA GLY A 268 -2.84 -38.51 2.37
C GLY A 268 -4.07 -39.08 1.69
N GLN A 269 -4.94 -39.76 2.44
CA GLN A 269 -6.14 -40.33 1.86
C GLN A 269 -7.18 -39.27 1.55
N LYS A 270 -7.13 -38.13 2.24
CA LYS A 270 -8.07 -37.03 1.99
C LYS A 270 -7.35 -35.91 1.27
N PRO A 271 -7.61 -35.68 0.00
CA PRO A 271 -6.94 -34.60 -0.73
C PRO A 271 -7.37 -33.23 -0.23
N ASN A 272 -6.48 -32.26 -0.37
CA ASN A 272 -6.78 -30.90 0.02
C ASN A 272 -7.86 -30.30 -0.87
N ILE A 273 -8.61 -29.34 -0.32
CA ILE A 273 -9.71 -28.73 -1.05
C ILE A 273 -9.14 -27.87 -2.18
N ASP A 274 -9.68 -28.08 -3.39
CA ASP A 274 -9.26 -27.32 -4.57
C ASP A 274 -10.50 -26.82 -5.30
N VAL A 275 -10.35 -25.67 -5.94
CA VAL A 275 -11.44 -25.03 -6.67
C VAL A 275 -11.13 -24.87 -8.15
N THR A 276 -9.96 -25.29 -8.61
CA THR A 276 -9.58 -25.07 -10.01
C THR A 276 -10.52 -25.79 -10.96
N ASP A 277 -10.83 -27.05 -10.68
CA ASP A 277 -11.69 -27.82 -11.57
C ASP A 277 -13.10 -27.24 -11.63
N ALA A 278 -13.66 -26.89 -10.48
CA ALA A 278 -14.99 -26.28 -10.47
C ALA A 278 -14.98 -24.91 -11.11
N MET A 279 -13.84 -24.20 -11.06
CA MET A 279 -13.77 -22.88 -11.66
C MET A 279 -13.69 -22.97 -13.19
N VAL A 280 -12.91 -23.90 -13.72
CA VAL A 280 -12.86 -24.06 -15.17
C VAL A 280 -14.17 -24.66 -15.69
N ASP A 281 -14.81 -25.54 -14.90
CA ASP A 281 -16.08 -26.11 -15.32
C ASP A 281 -17.16 -25.05 -15.45
N GLN A 282 -17.08 -23.98 -14.65
CA GLN A 282 -18.04 -22.88 -14.73
C GLN A 282 -17.64 -21.82 -15.74
N ALA A 283 -16.51 -22.01 -16.43
CA ALA A 283 -16.03 -21.07 -17.44
C ALA A 283 -15.82 -19.68 -16.85
N TRP A 284 -14.99 -19.62 -15.81
CA TRP A 284 -14.68 -18.37 -15.16
C TRP A 284 -13.54 -17.65 -15.87
N ASP A 285 -13.76 -16.39 -16.20
CA ASP A 285 -12.75 -15.58 -16.88
C ASP A 285 -11.94 -14.79 -15.86
N ALA A 286 -10.93 -14.08 -16.36
CA ALA A 286 -10.12 -13.24 -15.48
C ALA A 286 -10.93 -12.09 -14.91
N GLN A 287 -11.98 -11.66 -15.62
CA GLN A 287 -12.83 -10.60 -15.12
C GLN A 287 -13.78 -11.10 -14.02
N ARG A 288 -14.24 -12.35 -14.12
CA ARG A 288 -15.20 -12.85 -13.14
C ARG A 288 -14.57 -13.01 -11.76
N ILE A 289 -13.28 -13.33 -11.68
CA ILE A 289 -12.64 -13.46 -10.37
C ILE A 289 -12.66 -12.12 -9.64
N PHE A 290 -12.28 -11.04 -10.35
CA PHE A 290 -12.32 -9.72 -9.73
C PHE A 290 -13.74 -9.27 -9.48
N LYS A 291 -14.69 -9.65 -10.33
CA LYS A 291 -16.09 -9.32 -10.09
C LYS A 291 -16.58 -9.95 -8.79
N GLU A 292 -16.27 -11.23 -8.58
CA GLU A 292 -16.70 -11.90 -7.36
C GLU A 292 -15.98 -11.35 -6.13
N ALA A 293 -14.70 -11.00 -6.28
CA ALA A 293 -13.99 -10.39 -5.17
C ALA A 293 -14.59 -9.04 -4.79
N GLU A 294 -14.94 -8.22 -5.79
CA GLU A 294 -15.58 -6.95 -5.52
C GLU A 294 -16.96 -7.15 -4.90
N LYS A 295 -17.69 -8.19 -5.34
CA LYS A 295 -18.97 -8.52 -4.73
C LYS A 295 -18.80 -8.87 -3.25
N PHE A 296 -17.76 -9.65 -2.93
CA PHE A 296 -17.49 -9.97 -1.53
C PHE A 296 -17.16 -8.71 -0.73
N PHE A 297 -16.34 -7.82 -1.30
CA PHE A 297 -15.98 -6.59 -0.60
C PHE A 297 -17.20 -5.71 -0.37
N VAL A 298 -18.11 -5.65 -1.35
CA VAL A 298 -19.33 -4.88 -1.18
C VAL A 298 -20.22 -5.51 -0.12
N SER A 299 -20.31 -6.84 -0.11
CA SER A 299 -21.12 -7.53 0.89
C SER A 299 -20.58 -7.27 2.29
N VAL A 300 -19.25 -7.16 2.42
CA VAL A 300 -18.67 -6.80 3.72
C VAL A 300 -19.12 -5.40 4.13
N GLY A 301 -19.10 -4.47 3.19
CA GLY A 301 -19.53 -3.11 3.47
C GLY A 301 -18.67 -2.07 2.78
N LEU A 302 -17.51 -2.49 2.29
CA LEU A 302 -16.61 -1.58 1.60
C LEU A 302 -17.19 -1.18 0.24
N PRO A 303 -16.89 0.03 -0.23
CA PRO A 303 -17.55 0.54 -1.44
C PRO A 303 -17.05 -0.15 -2.70
N ASN A 304 -17.76 0.13 -3.79
CA ASN A 304 -17.36 -0.32 -5.12
C ASN A 304 -16.18 0.49 -5.63
N MET A 305 -15.61 0.03 -6.74
CA MET A 305 -14.53 0.73 -7.41
C MET A 305 -14.91 1.17 -8.81
N THR A 306 -14.38 2.32 -9.20
CA THR A 306 -14.86 3.05 -10.36
C THR A 306 -14.54 2.32 -11.66
N GLN A 307 -15.09 2.86 -12.76
CA GLN A 307 -14.86 2.29 -14.08
C GLN A 307 -13.41 2.44 -14.50
N GLY A 308 -12.71 3.44 -13.95
CA GLY A 308 -11.30 3.61 -14.22
C GLY A 308 -10.45 2.46 -13.73
N PHE A 309 -10.92 1.75 -12.70
CA PHE A 309 -10.23 0.56 -12.25
C PHE A 309 -10.37 -0.58 -13.25
N TRP A 310 -11.47 -0.63 -13.99
CA TRP A 310 -11.72 -1.72 -14.93
C TRP A 310 -11.14 -1.46 -16.30
N GLU A 311 -11.25 -0.22 -16.80
CA GLU A 311 -10.77 0.08 -18.14
C GLU A 311 -9.24 0.22 -18.19
N ASN A 312 -8.62 0.76 -17.14
CA ASN A 312 -7.19 1.02 -17.15
C ASN A 312 -6.38 -0.18 -16.70
N SER A 313 -6.69 -0.72 -15.52
CA SER A 313 -5.93 -1.84 -14.98
C SER A 313 -6.05 -3.06 -15.88
N MET A 314 -4.95 -3.77 -16.06
CA MET A 314 -4.94 -5.00 -16.85
C MET A 314 -4.88 -6.21 -15.93
N LEU A 315 -5.70 -7.20 -16.24
CA LEU A 315 -5.84 -8.39 -15.41
C LEU A 315 -5.48 -9.68 -16.13
N THR A 316 -5.11 -9.62 -17.40
CA THR A 316 -4.81 -10.81 -18.18
C THR A 316 -3.48 -10.64 -18.89
N ASP A 317 -2.83 -11.76 -19.18
CA ASP A 317 -1.57 -11.73 -19.89
C ASP A 317 -1.77 -11.16 -21.28
N PRO A 318 -0.91 -10.25 -21.74
CA PRO A 318 -1.12 -9.62 -23.05
C PRO A 318 -0.53 -10.42 -24.20
N GLY A 319 -0.18 -11.67 -23.94
CA GLY A 319 0.36 -12.53 -24.98
C GLY A 319 1.85 -12.33 -25.20
N ASN A 320 2.31 -12.90 -26.32
CA ASN A 320 3.73 -12.81 -26.65
C ASN A 320 4.17 -11.37 -26.88
N VAL A 321 3.36 -10.59 -27.59
CA VAL A 321 3.68 -9.18 -27.79
C VAL A 321 3.35 -8.39 -26.53
N GLN A 322 4.00 -7.24 -26.39
CA GLN A 322 3.83 -6.37 -25.23
C GLN A 322 4.16 -7.12 -23.94
N LYS A 323 5.42 -7.51 -23.82
CA LYS A 323 5.86 -8.25 -22.65
C LYS A 323 5.71 -7.40 -21.39
N ALA A 324 5.36 -8.06 -20.29
CA ALA A 324 5.11 -7.37 -19.02
C ALA A 324 5.75 -8.17 -17.91
N VAL A 325 5.44 -7.79 -16.67
CA VAL A 325 5.97 -8.45 -15.47
C VAL A 325 4.79 -9.05 -14.71
N CYS A 326 4.82 -10.37 -14.52
CA CYS A 326 3.80 -11.06 -13.75
C CYS A 326 4.16 -11.04 -12.27
N HIS A 327 4.10 -9.84 -11.70
CA HIS A 327 4.20 -9.64 -10.26
C HIS A 327 2.92 -8.96 -9.79
N PRO A 328 2.03 -9.66 -9.09
CA PRO A 328 0.76 -9.04 -8.67
C PRO A 328 1.00 -7.87 -7.74
N THR A 329 0.64 -6.67 -8.20
CA THR A 329 0.88 -5.45 -7.47
C THR A 329 -0.38 -4.60 -7.48
N ALA A 330 -0.67 -3.95 -6.36
CA ALA A 330 -1.80 -3.03 -6.25
C ALA A 330 -1.26 -1.61 -6.36
N TRP A 331 -1.63 -0.93 -7.44
CA TRP A 331 -1.11 0.40 -7.74
C TRP A 331 -2.07 1.48 -7.25
N ASP A 332 -1.53 2.42 -6.48
CA ASP A 332 -2.25 3.64 -6.11
C ASP A 332 -1.51 4.78 -6.80
N LEU A 333 -1.99 5.15 -7.99
CA LEU A 333 -1.26 6.12 -8.80
C LEU A 333 -1.21 7.49 -8.13
N GLY A 334 -2.30 7.89 -7.47
CA GLY A 334 -2.26 9.10 -6.69
C GLY A 334 -3.48 10.00 -6.79
N LYS A 335 -4.16 9.99 -7.94
CA LYS A 335 -5.32 10.85 -8.15
C LYS A 335 -6.48 10.00 -8.66
N GLY A 336 -7.19 9.36 -7.73
CA GLY A 336 -8.38 8.58 -8.08
C GLY A 336 -8.12 7.42 -9.00
N ASP A 337 -6.85 7.06 -9.18
CA ASP A 337 -6.44 6.03 -10.13
C ASP A 337 -5.90 4.84 -9.36
N PHE A 338 -6.71 3.79 -9.26
CA PHE A 338 -6.34 2.57 -8.55
C PHE A 338 -6.34 1.41 -9.53
N ARG A 339 -5.21 0.71 -9.62
CA ARG A 339 -5.03 -0.36 -10.58
C ARG A 339 -4.34 -1.55 -9.91
N ILE A 340 -4.59 -2.74 -10.44
CA ILE A 340 -3.84 -3.93 -10.09
C ILE A 340 -3.18 -4.49 -11.35
N LEU A 341 -1.88 -4.76 -11.26
CA LEU A 341 -1.09 -5.30 -12.36
C LEU A 341 -0.81 -6.76 -12.05
N MET A 342 -1.58 -7.66 -12.65
CA MET A 342 -1.36 -9.08 -12.46
C MET A 342 -1.92 -9.83 -13.67
N CYS A 343 -1.36 -11.03 -13.91
CA CYS A 343 -1.83 -11.91 -14.96
C CYS A 343 -2.70 -12.98 -14.31
N THR A 344 -4.00 -12.74 -14.28
CA THR A 344 -4.90 -13.62 -13.55
C THR A 344 -5.07 -14.94 -14.28
N LYS A 345 -4.88 -16.04 -13.56
CA LYS A 345 -5.10 -17.39 -14.07
C LYS A 345 -6.20 -18.06 -13.26
N VAL A 346 -6.74 -19.15 -13.81
CA VAL A 346 -7.86 -19.85 -13.18
C VAL A 346 -7.25 -20.83 -12.18
N THR A 347 -6.94 -20.33 -10.99
CA THR A 347 -6.34 -21.14 -9.94
C THR A 347 -6.81 -20.61 -8.59
N MET A 348 -6.70 -21.49 -7.57
CA MET A 348 -7.01 -21.07 -6.21
C MET A 348 -6.05 -20.00 -5.72
N ASP A 349 -4.75 -20.16 -6.00
CA ASP A 349 -3.76 -19.19 -5.54
C ASP A 349 -4.00 -17.82 -6.14
N ASP A 350 -4.29 -17.76 -7.45
CA ASP A 350 -4.59 -16.49 -8.08
C ASP A 350 -5.91 -15.91 -7.56
N PHE A 351 -6.89 -16.77 -7.30
CA PHE A 351 -8.16 -16.30 -6.74
C PHE A 351 -7.96 -15.66 -5.38
N LEU A 352 -7.08 -16.23 -4.55
CA LEU A 352 -6.83 -15.68 -3.23
C LEU A 352 -5.98 -14.40 -3.31
N THR A 353 -4.95 -14.39 -4.17
CA THR A 353 -4.13 -13.20 -4.30
C THR A 353 -4.89 -12.05 -4.94
N ALA A 354 -5.96 -12.34 -5.70
CA ALA A 354 -6.83 -11.28 -6.19
C ALA A 354 -7.46 -10.54 -5.02
N HIS A 355 -8.00 -11.28 -4.05
CA HIS A 355 -8.53 -10.65 -2.84
C HIS A 355 -7.42 -9.97 -2.04
N HIS A 356 -6.23 -10.56 -2.01
CA HIS A 356 -5.13 -9.96 -1.25
C HIS A 356 -4.77 -8.58 -1.79
N GLU A 357 -4.64 -8.44 -3.11
CA GLU A 357 -4.32 -7.14 -3.68
C GLU A 357 -5.53 -6.21 -3.67
N MET A 358 -6.73 -6.77 -3.80
CA MET A 358 -7.94 -5.98 -3.80
C MET A 358 -8.16 -5.35 -2.43
N GLY A 359 -7.73 -6.02 -1.37
CA GLY A 359 -7.74 -5.42 -0.04
C GLY A 359 -6.79 -4.24 0.09
N HIS A 360 -5.59 -4.35 -0.50
CA HIS A 360 -4.69 -3.19 -0.53
C HIS A 360 -5.31 -2.03 -1.28
N ILE A 361 -5.99 -2.33 -2.39
CA ILE A 361 -6.68 -1.28 -3.13
C ILE A 361 -7.77 -0.64 -2.28
N GLN A 362 -8.52 -1.45 -1.52
CA GLN A 362 -9.52 -0.90 -0.61
C GLN A 362 -8.88 -0.02 0.47
N TYR A 363 -7.73 -0.44 0.99
CA TYR A 363 -6.99 0.40 1.94
C TYR A 363 -6.61 1.74 1.30
N ASP A 364 -6.15 1.70 0.05
CA ASP A 364 -5.75 2.92 -0.65
C ASP A 364 -6.94 3.86 -0.81
N MET A 365 -8.10 3.33 -1.23
CA MET A 365 -9.29 4.18 -1.29
C MET A 365 -9.70 4.70 0.08
N ALA A 366 -9.54 3.89 1.13
CA ALA A 366 -9.93 4.33 2.47
C ALA A 366 -9.09 5.53 2.92
N TYR A 367 -7.78 5.49 2.70
CA TYR A 367 -6.94 6.59 3.16
C TYR A 367 -6.63 7.62 2.08
N ALA A 368 -7.28 7.53 0.90
CA ALA A 368 -7.08 8.55 -0.12
C ALA A 368 -7.46 9.94 0.34
N ALA A 369 -8.31 10.07 1.36
CA ALA A 369 -8.71 11.37 1.86
C ALA A 369 -7.62 12.04 2.68
N GLN A 370 -6.64 11.29 3.18
CA GLN A 370 -5.59 11.86 4.00
C GLN A 370 -4.62 12.67 3.14
N PRO A 371 -3.85 13.57 3.75
CA PRO A 371 -2.81 14.29 3.01
C PRO A 371 -1.78 13.34 2.42
N PHE A 372 -0.95 13.88 1.52
CA PHE A 372 -0.08 13.03 0.71
C PHE A 372 0.89 12.24 1.57
N LEU A 373 1.50 12.88 2.56
CA LEU A 373 2.51 12.20 3.38
C LEU A 373 1.90 11.25 4.40
N LEU A 374 0.58 11.25 4.56
CA LEU A 374 -0.10 10.35 5.49
C LEU A 374 -0.93 9.30 4.77
N ARG A 375 -0.63 9.04 3.49
CA ARG A 375 -1.37 8.05 2.72
C ARG A 375 -0.61 6.72 2.73
N ASN A 376 -0.53 6.14 3.92
CA ASN A 376 0.13 4.86 4.11
C ASN A 376 -0.45 4.22 5.36
N GLY A 377 -0.15 2.93 5.53
CA GLY A 377 -0.50 2.26 6.77
C GLY A 377 0.23 2.89 7.95
N ALA A 378 -0.40 2.80 9.13
CA ALA A 378 0.18 3.44 10.31
C ALA A 378 1.58 2.92 10.59
N ASN A 379 1.87 1.68 10.21
CA ASN A 379 3.23 1.19 10.06
C ASN A 379 3.26 0.31 8.81
N GLU A 380 4.43 -0.24 8.50
CA GLU A 380 4.57 -1.06 7.31
C GLU A 380 3.85 -2.40 7.41
N GLY A 381 3.38 -2.78 8.60
CA GLY A 381 2.69 -4.03 8.80
C GLY A 381 1.18 -3.98 8.71
N PHE A 382 0.60 -2.88 8.23
CA PHE A 382 -0.84 -2.77 8.16
C PHE A 382 -1.40 -3.17 6.80
N HIS A 383 -0.74 -2.77 5.71
CA HIS A 383 -1.24 -3.07 4.37
C HIS A 383 -1.33 -4.58 4.15
N GLU A 384 -0.23 -5.28 4.39
CA GLU A 384 -0.22 -6.72 4.18
C GLU A 384 -1.13 -7.43 5.16
N ALA A 385 -1.29 -6.89 6.37
CA ALA A 385 -2.23 -7.48 7.32
C ALA A 385 -3.66 -7.43 6.79
N VAL A 386 -4.05 -6.29 6.22
CA VAL A 386 -5.40 -6.17 5.66
C VAL A 386 -5.56 -7.09 4.45
N GLY A 387 -4.56 -7.12 3.57
CA GLY A 387 -4.62 -8.05 2.46
C GLY A 387 -4.75 -9.49 2.90
N GLU A 388 -4.04 -9.86 3.96
CA GLU A 388 -4.06 -11.24 4.43
C GLU A 388 -5.36 -11.60 5.15
N ILE A 389 -5.95 -10.65 5.89
CA ILE A 389 -7.26 -10.95 6.47
C ILE A 389 -8.31 -11.07 5.38
N MET A 390 -8.18 -10.28 4.31
CA MET A 390 -9.04 -10.47 3.15
C MET A 390 -8.90 -11.86 2.57
N SER A 391 -7.65 -12.30 2.40
CA SER A 391 -7.41 -13.64 1.85
C SER A 391 -7.95 -14.73 2.76
N LEU A 392 -7.76 -14.58 4.08
CA LEU A 392 -8.25 -15.57 5.04
C LEU A 392 -9.77 -15.66 4.99
N SER A 393 -10.45 -14.51 4.97
CA SER A 393 -11.91 -14.54 4.90
C SER A 393 -12.39 -15.14 3.60
N ALA A 394 -11.72 -14.82 2.49
CA ALA A 394 -12.15 -15.30 1.18
C ALA A 394 -11.86 -16.79 0.98
N ALA A 395 -10.97 -17.38 1.78
CA ALA A 395 -10.57 -18.76 1.61
C ALA A 395 -11.36 -19.74 2.46
N THR A 396 -12.30 -19.25 3.27
CA THR A 396 -13.07 -20.15 4.12
C THR A 396 -14.04 -20.99 3.27
N PRO A 397 -14.21 -22.27 3.59
CA PRO A 397 -15.12 -23.11 2.79
C PRO A 397 -16.55 -22.61 2.79
N LYS A 398 -17.02 -22.01 3.89
CA LYS A 398 -18.39 -21.50 3.92
C LYS A 398 -18.56 -20.34 2.93
N HIS A 399 -17.53 -19.49 2.80
CA HIS A 399 -17.59 -18.42 1.80
C HIS A 399 -17.59 -18.99 0.39
N LEU A 400 -16.80 -20.04 0.16
CA LEU A 400 -16.79 -20.66 -1.17
C LEU A 400 -18.14 -21.26 -1.51
N LYS A 401 -18.79 -21.90 -0.53
CA LYS A 401 -20.15 -22.39 -0.77
C LYS A 401 -21.13 -21.25 -1.00
N SER A 402 -20.97 -20.15 -0.25
CA SER A 402 -21.87 -19.01 -0.40
C SER A 402 -21.74 -18.37 -1.78
N ILE A 403 -20.52 -18.26 -2.30
CA ILE A 403 -20.30 -17.66 -3.61
C ILE A 403 -20.83 -18.51 -4.74
N GLY A 404 -21.24 -19.75 -4.47
CA GLY A 404 -21.80 -20.62 -5.47
C GLY A 404 -20.79 -21.47 -6.21
N LEU A 405 -19.50 -21.27 -5.98
CA LEU A 405 -18.48 -22.06 -6.68
C LEU A 405 -18.42 -23.49 -6.14
N LEU A 406 -18.50 -23.65 -4.82
CA LEU A 406 -18.39 -24.96 -4.20
C LEU A 406 -19.75 -25.62 -4.11
N SER A 407 -19.75 -26.95 -4.22
CA SER A 407 -20.98 -27.71 -4.15
C SER A 407 -21.51 -27.71 -2.72
N PRO A 408 -22.77 -27.33 -2.49
CA PRO A 408 -23.30 -27.34 -1.12
C PRO A 408 -23.31 -28.72 -0.50
N ASP A 409 -23.36 -29.79 -1.31
CA ASP A 409 -23.37 -31.15 -0.79
C ASP A 409 -22.06 -31.54 -0.10
N PHE A 410 -21.00 -30.76 -0.27
CA PHE A 410 -19.72 -31.08 0.36
C PHE A 410 -19.83 -30.97 1.87
N GLN A 411 -19.17 -31.89 2.57
CA GLN A 411 -19.17 -31.92 4.02
C GLN A 411 -17.76 -31.70 4.55
N GLU A 412 -17.68 -31.26 5.79
CA GLU A 412 -16.41 -30.95 6.44
C GLU A 412 -16.12 -31.97 7.53
N ASP A 413 -14.91 -32.52 7.50
CA ASP A 413 -14.42 -33.43 8.53
C ASP A 413 -13.11 -32.88 9.09
N ASN A 414 -12.75 -33.36 10.29
CA ASN A 414 -11.63 -32.78 11.03
C ASN A 414 -10.34 -32.77 10.21
N GLU A 415 -10.18 -33.75 9.31
CA GLU A 415 -8.97 -33.80 8.49
C GLU A 415 -8.84 -32.56 7.61
N THR A 416 -9.96 -32.06 7.09
CA THR A 416 -9.92 -30.93 6.16
C THR A 416 -9.34 -29.69 6.83
N GLU A 417 -9.95 -29.22 7.92
CA GLU A 417 -9.44 -28.01 8.54
C GLU A 417 -8.15 -28.26 9.31
N ILE A 418 -7.86 -29.51 9.70
CA ILE A 418 -6.54 -29.74 10.30
C ILE A 418 -5.44 -29.61 9.24
N ASN A 419 -5.70 -30.07 8.01
CA ASN A 419 -4.75 -29.86 6.92
C ASN A 419 -4.64 -28.39 6.58
N PHE A 420 -5.78 -27.67 6.57
CA PHE A 420 -5.74 -26.24 6.30
C PHE A 420 -4.93 -25.50 7.37
N LEU A 421 -5.12 -25.86 8.64
CA LEU A 421 -4.36 -25.22 9.71
C LEU A 421 -2.87 -25.54 9.60
N LEU A 422 -2.53 -26.78 9.25
CA LEU A 422 -1.12 -27.11 9.07
C LEU A 422 -0.50 -26.31 7.94
N LYS A 423 -1.23 -26.16 6.82
CA LYS A 423 -0.72 -25.35 5.72
C LYS A 423 -0.55 -23.89 6.14
N GLN A 424 -1.51 -23.35 6.87
CA GLN A 424 -1.40 -21.97 7.34
C GLN A 424 -0.21 -21.80 8.28
N ALA A 425 0.00 -22.77 9.18
CA ALA A 425 1.14 -22.68 10.09
C ALA A 425 2.46 -22.76 9.34
N LEU A 426 2.55 -23.65 8.35
CA LEU A 426 3.75 -23.73 7.54
C LEU A 426 3.98 -22.42 6.80
N THR A 427 2.90 -21.75 6.38
CA THR A 427 3.04 -20.47 5.70
C THR A 427 3.33 -19.33 6.66
N ILE A 428 2.72 -19.33 7.85
CA ILE A 428 2.70 -18.16 8.73
C ILE A 428 3.67 -18.32 9.90
N VAL A 429 3.41 -19.28 10.80
CA VAL A 429 4.22 -19.38 12.01
C VAL A 429 5.61 -19.91 11.72
N GLY A 430 5.86 -20.44 10.52
CA GLY A 430 7.18 -20.90 10.15
C GLY A 430 8.11 -19.81 9.66
N THR A 431 7.60 -18.59 9.45
CA THR A 431 8.42 -17.48 9.01
C THR A 431 8.68 -16.47 10.11
N LEU A 432 8.10 -16.65 11.30
CA LEU A 432 8.30 -15.72 12.40
C LEU A 432 9.67 -15.89 13.05
N PRO A 433 10.08 -17.10 13.44
CA PRO A 433 11.44 -17.23 14.01
C PRO A 433 12.53 -16.80 13.05
N PHE A 434 12.39 -17.11 11.76
CA PHE A 434 13.41 -16.71 10.79
C PHE A 434 13.48 -15.20 10.66
N THR A 435 12.33 -14.54 10.55
CA THR A 435 12.30 -13.09 10.45
C THR A 435 12.89 -12.45 11.69
N TYR A 436 12.51 -12.94 12.87
CA TYR A 436 13.03 -12.39 14.11
C TYR A 436 14.53 -12.57 14.22
N MET A 437 15.03 -13.75 13.85
CA MET A 437 16.47 -14.00 13.90
C MET A 437 17.22 -13.07 12.96
N LEU A 438 16.74 -12.94 11.72
CA LEU A 438 17.42 -12.09 10.76
C LEU A 438 17.42 -10.64 11.21
N GLU A 439 16.28 -10.14 11.70
CA GLU A 439 16.21 -8.75 12.13
C GLU A 439 17.07 -8.51 13.35
N LYS A 440 17.11 -9.45 14.29
CA LYS A 440 17.97 -9.29 15.47
C LYS A 440 19.44 -9.30 15.07
N TRP A 441 19.82 -10.19 14.16
CA TRP A 441 21.21 -10.23 13.71
C TRP A 441 21.60 -8.92 13.03
N ARG A 442 20.73 -8.40 12.15
CA ARG A 442 21.04 -7.13 11.51
C ARG A 442 21.09 -5.99 12.52
N TRP A 443 20.19 -5.98 13.50
CA TRP A 443 20.17 -4.95 14.51
C TRP A 443 21.48 -4.94 15.30
N MET A 444 21.92 -6.11 15.74
CA MET A 444 23.15 -6.18 16.53
C MET A 444 24.41 -6.00 15.68
N VAL A 445 24.36 -6.30 14.38
CA VAL A 445 25.49 -6.02 13.51
C VAL A 445 25.63 -4.52 13.30
N PHE A 446 24.53 -3.84 13.02
CA PHE A 446 24.58 -2.39 12.83
C PHE A 446 24.92 -1.68 14.13
N LYS A 447 24.38 -2.16 15.25
CA LYS A 447 24.66 -1.53 16.55
C LYS A 447 26.13 -1.65 16.91
N GLY A 448 26.73 -2.81 16.65
CA GLY A 448 28.11 -3.07 17.01
C GLY A 448 28.31 -4.16 18.03
N GLU A 449 27.25 -4.81 18.52
CA GLU A 449 27.42 -5.91 19.46
C GLU A 449 28.19 -7.06 18.82
N ILE A 450 27.87 -7.38 17.56
CA ILE A 450 28.57 -8.42 16.82
C ILE A 450 29.82 -7.82 16.21
N PRO A 451 31.02 -8.36 16.50
CA PRO A 451 32.23 -7.83 15.87
C PRO A 451 32.26 -8.12 14.38
N LYS A 452 32.92 -7.23 13.64
CA LYS A 452 33.00 -7.40 12.19
C LYS A 452 33.77 -8.66 11.82
N ASP A 453 34.84 -8.96 12.55
CA ASP A 453 35.65 -10.13 12.25
C ASP A 453 34.95 -11.43 12.60
N GLN A 454 33.82 -11.39 13.30
CA GLN A 454 33.06 -12.58 13.68
C GLN A 454 31.60 -12.36 13.28
N TRP A 455 31.26 -12.71 12.04
CA TRP A 455 29.91 -12.58 11.52
C TRP A 455 29.22 -13.92 11.30
N MET A 456 29.86 -14.82 10.57
CA MET A 456 29.21 -16.08 10.21
C MET A 456 28.99 -16.97 11.42
N LYS A 457 29.97 -17.04 12.33
CA LYS A 457 29.84 -17.92 13.49
C LYS A 457 28.68 -17.50 14.38
N LYS A 458 28.58 -16.20 14.65
CA LYS A 458 27.48 -15.71 15.50
C LYS A 458 26.13 -15.87 14.79
N TRP A 459 26.10 -15.63 13.48
CA TRP A 459 24.85 -15.79 12.73
C TRP A 459 24.38 -17.24 12.79
N TRP A 460 25.29 -18.20 12.59
CA TRP A 460 24.89 -19.59 12.61
C TRP A 460 24.53 -20.05 14.03
N GLU A 461 25.24 -19.53 15.04
CA GLU A 461 24.88 -19.85 16.41
C GLU A 461 23.49 -19.34 16.75
N MET A 462 23.16 -18.13 16.29
CA MET A 462 21.80 -17.61 16.43
C MET A 462 20.80 -18.50 15.69
N LYS A 463 21.17 -19.01 14.52
CA LYS A 463 20.29 -19.90 13.78
C LYS A 463 20.01 -21.17 14.57
N ARG A 464 21.03 -21.75 15.20
CA ARG A 464 20.79 -22.89 16.07
C ARG A 464 19.90 -22.52 17.25
N GLU A 465 20.16 -21.36 17.86
CA GLU A 465 19.45 -21.00 19.09
C GLU A 465 17.99 -20.66 18.82
N ILE A 466 17.71 -19.93 17.75
CA ILE A 466 16.37 -19.40 17.53
C ILE A 466 15.61 -20.25 16.52
N VAL A 467 16.10 -20.29 15.27
CA VAL A 467 15.40 -21.05 14.24
C VAL A 467 15.56 -22.54 14.47
N GLY A 468 16.77 -22.99 14.79
CA GLY A 468 17.00 -24.40 15.06
C GLY A 468 17.32 -25.21 13.82
N VAL A 469 18.34 -24.80 13.07
CA VAL A 469 18.82 -25.56 11.92
C VAL A 469 20.34 -25.54 11.92
N VAL A 470 20.94 -26.70 11.69
CA VAL A 470 22.39 -26.85 11.73
C VAL A 470 22.99 -26.51 10.38
N GLU A 471 24.30 -26.29 10.37
CA GLU A 471 25.03 -26.06 9.13
C GLU A 471 25.25 -27.39 8.41
N PRO A 472 24.86 -27.49 7.13
CA PRO A 472 25.21 -28.71 6.38
C PRO A 472 26.70 -28.91 6.26
N VAL A 473 27.48 -27.83 6.17
CA VAL A 473 28.94 -27.90 6.15
C VAL A 473 29.47 -26.74 6.99
N PRO A 474 30.56 -26.91 7.73
CA PRO A 474 31.10 -25.78 8.49
C PRO A 474 31.50 -24.63 7.58
N HIS A 475 31.26 -23.41 8.07
CA HIS A 475 31.51 -22.19 7.31
C HIS A 475 32.59 -21.38 8.00
N ASP A 476 33.57 -20.91 7.23
CA ASP A 476 34.63 -20.06 7.77
C ASP A 476 34.14 -18.62 7.82
N GLU A 477 35.05 -17.69 8.11
CA GLU A 477 34.68 -16.28 8.24
C GLU A 477 34.59 -15.56 6.90
N THR A 478 35.02 -16.19 5.81
CA THR A 478 34.94 -15.56 4.48
C THR A 478 33.63 -15.91 3.78
N TYR A 479 32.52 -15.70 4.47
CA TYR A 479 31.20 -15.96 3.93
C TYR A 479 30.26 -14.84 4.34
N CYS A 480 29.23 -14.61 3.51
CA CYS A 480 28.22 -13.59 3.74
C CYS A 480 26.83 -14.16 3.49
N ASP A 481 26.55 -15.29 4.13
CA ASP A 481 25.29 -16.01 3.92
C ASP A 481 24.05 -15.14 4.04
N PRO A 482 23.90 -14.26 5.04
CA PRO A 482 22.71 -13.40 5.07
C PRO A 482 22.57 -12.49 3.86
N ALA A 483 23.68 -12.13 3.21
CA ALA A 483 23.61 -11.26 2.03
C ALA A 483 22.93 -11.94 0.86
N SER A 484 22.85 -13.27 0.85
CA SER A 484 22.14 -13.97 -0.22
C SER A 484 20.66 -13.63 -0.23
N LEU A 485 20.10 -13.21 0.90
CA LEU A 485 18.70 -12.84 0.96
C LEU A 485 18.44 -11.59 0.13
N PHE A 486 17.28 -11.56 -0.53
CA PHE A 486 16.93 -10.41 -1.35
C PHE A 486 16.80 -9.14 -0.52
N HIS A 487 16.17 -9.24 0.64
CA HIS A 487 15.90 -8.04 1.44
C HIS A 487 17.19 -7.50 2.06
N VAL A 488 18.10 -8.38 2.48
CA VAL A 488 19.34 -7.93 3.09
C VAL A 488 20.24 -7.26 2.05
N SER A 489 20.35 -7.86 0.87
CA SER A 489 21.21 -7.31 -0.18
C SER A 489 20.63 -6.06 -0.83
N ASN A 490 19.31 -5.88 -0.78
CA ASN A 490 18.67 -4.72 -1.38
C ASN A 490 18.27 -3.67 -0.34
N ASP A 491 18.77 -3.79 0.89
CA ASP A 491 18.54 -2.80 1.95
C ASP A 491 17.04 -2.65 2.23
N TYR A 492 16.44 -3.74 2.69
CA TYR A 492 15.02 -3.77 3.04
C TYR A 492 14.85 -4.23 4.48
N SER A 493 13.92 -3.60 5.18
CA SER A 493 13.57 -4.05 6.52
C SER A 493 12.79 -5.36 6.45
N PHE A 494 13.07 -6.27 7.39
CA PHE A 494 12.47 -7.59 7.36
C PHE A 494 11.45 -7.83 8.46
N ILE A 495 11.39 -6.99 9.49
CA ILE A 495 10.41 -7.15 10.56
C ILE A 495 8.98 -6.91 10.07
N ARG A 496 8.84 -6.44 8.82
CA ARG A 496 7.52 -6.21 8.25
C ARG A 496 6.64 -7.45 8.32
N TYR A 497 7.21 -8.62 8.06
CA TYR A 497 6.42 -9.84 7.99
C TYR A 497 5.99 -10.32 9.37
N TYR A 498 6.90 -10.25 10.34
CA TYR A 498 6.56 -10.57 11.73
C TYR A 498 5.42 -9.67 12.21
N THR A 499 5.59 -8.36 12.02
CA THR A 499 4.54 -7.42 12.40
C THR A 499 3.25 -7.68 11.63
N ARG A 500 3.37 -8.05 10.36
CA ARG A 500 2.20 -8.31 9.53
C ARG A 500 1.38 -9.46 10.08
N THR A 501 2.04 -10.57 10.41
CA THR A 501 1.30 -11.71 10.95
C THR A 501 0.67 -11.36 12.31
N LEU A 502 1.46 -10.75 13.20
CA LEU A 502 0.96 -10.44 14.54
C LEU A 502 -0.14 -9.39 14.51
N TYR A 503 -0.26 -8.61 13.43
CA TYR A 503 -1.36 -7.69 13.29
C TYR A 503 -2.55 -8.31 12.57
N GLN A 504 -2.29 -9.14 11.55
CA GLN A 504 -3.37 -9.73 10.78
C GLN A 504 -4.21 -10.67 11.62
N PHE A 505 -3.58 -11.43 12.53
CA PHE A 505 -4.37 -12.37 13.30
C PHE A 505 -5.23 -11.64 14.33
N GLN A 506 -4.68 -10.58 14.94
CA GLN A 506 -5.49 -9.74 15.82
C GLN A 506 -6.65 -9.10 15.05
N PHE A 507 -6.38 -8.60 13.85
CA PHE A 507 -7.44 -7.98 13.05
C PHE A 507 -8.54 -8.97 12.74
N GLN A 508 -8.17 -10.19 12.30
CA GLN A 508 -9.19 -11.18 11.97
C GLN A 508 -9.99 -11.59 13.19
N GLU A 509 -9.32 -11.82 14.32
CA GLU A 509 -10.03 -12.21 15.54
C GLU A 509 -11.00 -11.13 15.97
N ALA A 510 -10.56 -9.87 15.97
CA ALA A 510 -11.43 -8.78 16.39
C ALA A 510 -12.59 -8.58 15.42
N LEU A 511 -12.32 -8.69 14.12
CA LEU A 511 -13.37 -8.46 13.13
C LEU A 511 -14.44 -9.55 13.19
N CYS A 512 -14.03 -10.82 13.24
CA CYS A 512 -15.02 -11.87 13.26
C CYS A 512 -15.62 -12.08 14.64
N GLN A 513 -15.02 -11.52 15.70
CA GLN A 513 -15.69 -11.47 16.99
C GLN A 513 -16.86 -10.50 16.97
N ALA A 514 -16.70 -9.38 16.24
CA ALA A 514 -17.76 -8.40 16.08
C ALA A 514 -18.77 -8.80 15.02
N ALA A 515 -18.53 -9.89 14.29
CA ALA A 515 -19.45 -10.39 13.28
C ALA A 515 -20.45 -11.38 13.85
N LYS A 516 -20.45 -11.57 15.17
CA LYS A 516 -21.36 -12.50 15.86
C LYS A 516 -21.21 -13.92 15.31
N HIS A 517 -19.98 -14.41 15.37
CA HIS A 517 -19.63 -15.76 14.92
C HIS A 517 -19.29 -16.62 16.13
N GLU A 518 -19.92 -17.78 16.23
CA GLU A 518 -19.66 -18.74 17.29
C GLU A 518 -19.01 -19.98 16.68
N GLY A 519 -17.84 -20.35 17.20
CA GLY A 519 -17.13 -21.51 16.72
C GLY A 519 -15.64 -21.29 16.62
N PRO A 520 -14.97 -22.12 15.84
CA PRO A 520 -13.51 -22.00 15.72
C PRO A 520 -13.11 -20.70 15.03
N LEU A 521 -11.90 -20.24 15.37
CA LEU A 521 -11.39 -18.99 14.81
C LEU A 521 -11.01 -19.14 13.34
N HIS A 522 -10.53 -20.30 12.93
CA HIS A 522 -10.07 -20.50 11.56
C HIS A 522 -11.20 -20.55 10.55
N LYS A 523 -12.45 -20.69 10.99
CA LYS A 523 -13.61 -20.69 10.11
C LYS A 523 -14.31 -19.35 10.08
N CYS A 524 -13.70 -18.31 10.65
CA CYS A 524 -14.33 -17.00 10.71
C CYS A 524 -14.43 -16.40 9.31
N ASP A 525 -15.59 -15.81 9.01
CA ASP A 525 -15.86 -15.22 7.71
C ASP A 525 -16.47 -13.84 7.91
N ILE A 526 -15.92 -12.84 7.20
CA ILE A 526 -16.42 -11.48 7.27
C ILE A 526 -17.52 -11.20 6.24
N SER A 527 -17.83 -12.17 5.39
CA SER A 527 -18.81 -11.95 4.33
C SER A 527 -20.19 -11.71 4.92
N ASN A 528 -20.93 -10.79 4.30
CA ASN A 528 -22.29 -10.44 4.71
C ASN A 528 -22.35 -10.00 6.17
N SER A 529 -21.42 -9.12 6.55
CA SER A 529 -21.36 -8.58 7.90
C SER A 529 -20.93 -7.11 7.79
N THR A 530 -21.90 -6.21 7.90
CA THR A 530 -21.62 -4.78 7.78
C THR A 530 -20.93 -4.23 9.02
N GLU A 531 -21.20 -4.80 10.20
CA GLU A 531 -20.59 -4.29 11.42
C GLU A 531 -19.08 -4.44 11.40
N ALA A 532 -18.61 -5.64 11.02
CA ALA A 532 -17.17 -5.86 10.92
C ALA A 532 -16.55 -4.99 9.84
N GLY A 533 -17.26 -4.80 8.72
CA GLY A 533 -16.77 -3.92 7.69
C GLY A 533 -16.59 -2.49 8.16
N GLN A 534 -17.57 -1.98 8.90
CA GLN A 534 -17.44 -0.63 9.45
C GLN A 534 -16.31 -0.55 10.47
N LYS A 535 -16.18 -1.58 11.32
CA LYS A 535 -15.11 -1.59 12.31
C LYS A 535 -13.74 -1.57 11.64
N LEU A 536 -13.58 -2.30 10.54
CA LEU A 536 -12.32 -2.30 9.83
C LEU A 536 -12.09 -0.99 9.08
N PHE A 537 -13.15 -0.46 8.45
CA PHE A 537 -13.03 0.80 7.72
C PHE A 537 -12.69 1.97 8.63
N ASN A 538 -13.10 1.92 9.90
CA ASN A 538 -12.73 2.98 10.83
C ASN A 538 -11.21 3.08 10.97
N MET A 539 -10.53 1.94 11.04
CA MET A 539 -9.07 1.94 11.07
C MET A 539 -8.47 2.23 9.69
N LEU A 540 -9.12 1.72 8.63
CA LEU A 540 -8.58 1.87 7.29
C LEU A 540 -8.53 3.33 6.86
N ARG A 541 -9.57 4.10 7.18
CA ARG A 541 -9.62 5.50 6.79
C ARG A 541 -8.58 6.35 7.50
N LEU A 542 -8.07 5.88 8.64
CA LEU A 542 -7.10 6.67 9.40
C LEU A 542 -5.78 6.83 8.65
N GLY A 543 -5.30 5.76 8.03
CA GLY A 543 -4.00 5.82 7.38
C GLY A 543 -2.90 5.99 8.43
N LYS A 544 -1.91 6.81 8.08
CA LYS A 544 -0.81 7.13 8.99
C LYS A 544 -1.08 8.39 9.80
N SER A 545 -2.28 8.95 9.72
CA SER A 545 -2.59 10.19 10.42
C SER A 545 -2.45 10.02 11.92
N GLU A 546 -2.94 8.91 12.46
CA GLU A 546 -2.88 8.70 13.89
C GLU A 546 -1.95 7.55 14.23
N PRO A 547 -1.36 7.54 15.43
CA PRO A 547 -0.36 6.52 15.76
C PRO A 547 -0.93 5.11 15.69
N TRP A 548 -0.06 4.17 15.30
CA TRP A 548 -0.50 2.78 15.15
C TRP A 548 -0.93 2.17 16.47
N THR A 549 -0.38 2.65 17.59
CA THR A 549 -0.82 2.16 18.89
C THR A 549 -2.27 2.51 19.17
N LEU A 550 -2.81 3.51 18.49
CA LEU A 550 -4.21 3.87 18.61
C LEU A 550 -5.07 3.18 17.56
N ALA A 551 -4.57 3.10 16.32
CA ALA A 551 -5.31 2.43 15.26
C ALA A 551 -5.48 0.94 15.54
N LEU A 552 -4.47 0.33 16.18
CA LEU A 552 -4.59 -1.07 16.55
C LEU A 552 -5.72 -1.28 17.56
N GLU A 553 -5.82 -0.40 18.56
CA GLU A 553 -6.88 -0.51 19.54
C GLU A 553 -8.25 -0.18 18.94
N ASN A 554 -8.30 0.74 17.97
CA ASN A 554 -9.57 1.17 17.40
C ASN A 554 -10.31 0.03 16.70
N VAL A 555 -9.61 -1.05 16.35
CA VAL A 555 -10.24 -2.15 15.62
C VAL A 555 -10.14 -3.44 16.45
N VAL A 556 -9.12 -3.54 17.30
CA VAL A 556 -8.89 -4.74 18.07
C VAL A 556 -9.31 -4.53 19.52
N GLY A 557 -8.73 -3.53 20.17
CA GLY A 557 -8.95 -3.28 21.58
C GLY A 557 -7.70 -3.25 22.42
N ALA A 558 -6.52 -3.50 21.85
CA ALA A 558 -5.25 -3.44 22.55
C ALA A 558 -4.31 -2.49 21.83
N LYS A 559 -3.45 -1.84 22.61
CA LYS A 559 -2.53 -0.85 22.09
C LYS A 559 -1.14 -1.43 21.80
N ASN A 560 -1.00 -2.75 21.83
CA ASN A 560 0.30 -3.39 21.68
C ASN A 560 0.17 -4.66 20.86
N MET A 561 1.31 -5.14 20.37
CA MET A 561 1.34 -6.40 19.64
C MET A 561 0.93 -7.54 20.56
N ASN A 562 0.20 -8.51 20.01
CA ASN A 562 -0.29 -9.64 20.79
C ASN A 562 -0.10 -10.93 20.01
N VAL A 563 0.04 -12.02 20.75
CA VAL A 563 0.19 -13.34 20.17
C VAL A 563 -1.01 -14.24 20.45
N ARG A 564 -1.78 -13.96 21.50
CA ARG A 564 -2.94 -14.80 21.82
C ARG A 564 -3.91 -15.00 20.66
N PRO A 565 -4.25 -14.00 19.84
CA PRO A 565 -5.03 -14.31 18.63
C PRO A 565 -4.34 -15.30 17.71
N LEU A 566 -3.02 -15.15 17.54
CA LEU A 566 -2.28 -16.12 16.72
C LEU A 566 -2.30 -17.50 17.35
N LEU A 567 -2.14 -17.57 18.67
CA LEU A 567 -2.04 -18.86 19.35
C LEU A 567 -3.37 -19.60 19.31
N ASN A 568 -4.47 -18.90 19.60
CA ASN A 568 -5.77 -19.56 19.60
C ASN A 568 -6.38 -19.70 18.21
N TYR A 569 -5.83 -19.01 17.20
CA TYR A 569 -6.20 -19.31 15.83
C TYR A 569 -5.79 -20.73 15.46
N PHE A 570 -4.59 -21.13 15.84
CA PHE A 570 -4.10 -22.48 15.62
C PHE A 570 -4.37 -23.40 16.80
N GLU A 571 -5.38 -23.10 17.60
CA GLU A 571 -5.65 -23.90 18.79
C GLU A 571 -5.96 -25.36 18.47
N PRO A 572 -6.90 -25.69 17.56
CA PRO A 572 -7.07 -27.12 17.23
C PRO A 572 -5.79 -27.74 16.68
N LEU A 573 -5.05 -27.00 15.88
CA LEU A 573 -3.76 -27.48 15.40
C LEU A 573 -2.79 -27.66 16.56
N PHE A 574 -2.82 -26.75 17.55
CA PHE A 574 -1.93 -26.88 18.70
C PHE A 574 -2.23 -28.15 19.49
N THR A 575 -3.52 -28.44 19.73
CA THR A 575 -3.86 -29.68 20.44
C THR A 575 -3.50 -30.91 19.62
N TRP A 576 -3.72 -30.86 18.31
CA TRP A 576 -3.34 -32.01 17.47
C TRP A 576 -1.84 -32.24 17.50
N LEU A 577 -1.05 -31.17 17.42
CA LEU A 577 0.40 -31.30 17.49
C LEU A 577 0.84 -31.84 18.84
N LYS A 578 0.22 -31.36 19.92
CA LYS A 578 0.53 -31.87 21.25
C LYS A 578 0.24 -33.35 21.35
N ASP A 579 -0.91 -33.79 20.82
CA ASP A 579 -1.28 -35.19 20.86
C ASP A 579 -0.43 -36.05 19.92
N GLN A 580 0.20 -35.44 18.91
CA GLN A 580 0.97 -36.21 17.95
C GLN A 580 2.34 -36.58 18.49
N ASN A 581 3.13 -35.56 18.89
CA ASN A 581 4.51 -35.79 19.34
C ASN A 581 4.52 -36.14 20.83
N LYS A 582 4.10 -37.37 21.13
CA LYS A 582 4.16 -37.89 22.49
C LYS A 582 5.48 -38.64 22.74
N ASN A 583 5.74 -39.67 21.93
CA ASN A 583 6.94 -40.48 22.10
C ASN A 583 8.17 -39.85 21.47
N SER A 584 8.00 -38.86 20.59
CA SER A 584 9.13 -38.21 19.94
C SER A 584 9.72 -37.14 20.86
N PHE A 585 10.97 -36.78 20.57
CA PHE A 585 11.67 -35.79 21.39
C PHE A 585 11.06 -34.41 21.22
N VAL A 586 11.14 -33.61 22.28
CA VAL A 586 10.61 -32.25 22.31
C VAL A 586 11.76 -31.30 22.55
N GLY A 587 11.95 -30.35 21.64
CA GLY A 587 13.02 -29.39 21.74
C GLY A 587 14.23 -29.79 20.92
N TRP A 588 15.11 -28.81 20.70
CA TRP A 588 16.35 -29.02 19.95
C TRP A 588 17.53 -28.53 20.78
N SER A 589 18.68 -29.14 20.54
CA SER A 589 19.90 -28.84 21.27
C SER A 589 21.03 -28.46 20.31
N THR A 590 21.89 -27.56 20.76
CA THR A 590 23.03 -27.09 20.00
C THR A 590 24.24 -28.01 20.13
N ASP A 591 24.15 -29.05 20.96
CA ASP A 591 25.28 -29.95 21.16
C ASP A 591 25.65 -30.73 19.91
N TRP A 592 24.75 -30.79 18.92
CA TRP A 592 25.05 -31.50 17.69
C TRP A 592 26.17 -30.81 16.93
N SER A 593 27.10 -31.60 16.40
CA SER A 593 28.24 -31.09 15.66
C SER A 593 28.73 -32.16 14.69
N PRO A 594 29.10 -31.78 13.46
CA PRO A 594 29.61 -32.74 12.46
C PRO A 594 31.10 -32.98 12.59
N ASN B 1 -37.80 36.24 -28.34
CA ASN B 1 -36.41 35.94 -28.62
C ASN B 1 -35.98 34.65 -27.92
N LEU B 2 -34.84 34.11 -28.34
CA LEU B 2 -34.27 32.89 -27.77
C LEU B 2 -33.09 33.26 -26.89
N CYS B 3 -33.13 32.85 -25.62
CA CYS B 3 -32.05 33.14 -24.71
C CYS B 3 -30.79 32.36 -25.12
N PRO B 4 -29.61 32.94 -24.93
CA PRO B 4 -28.37 32.26 -25.33
C PRO B 4 -27.94 31.19 -24.34
N PHE B 5 -28.88 30.34 -23.91
CA PHE B 5 -28.53 29.21 -23.06
C PHE B 5 -27.63 28.21 -23.77
N HIS B 6 -27.89 27.95 -25.05
CA HIS B 6 -27.08 27.00 -25.80
C HIS B 6 -25.63 27.45 -25.87
N GLU B 7 -25.40 28.73 -26.19
CA GLU B 7 -24.03 29.23 -26.31
C GLU B 7 -23.28 29.10 -25.00
N VAL B 8 -23.95 29.36 -23.87
CA VAL B 8 -23.33 29.15 -22.57
C VAL B 8 -22.99 27.68 -22.37
N PHE B 9 -23.94 26.79 -22.72
CA PHE B 9 -23.72 25.36 -22.50
C PHE B 9 -22.86 24.73 -23.59
N ASN B 10 -22.88 25.26 -24.81
CA ASN B 10 -22.16 24.66 -25.93
C ASN B 10 -20.77 25.26 -26.15
N ALA B 11 -20.33 26.15 -25.27
CA ALA B 11 -19.06 26.84 -25.47
C ALA B 11 -17.92 25.85 -25.64
N THR B 12 -17.12 26.06 -26.68
CA THR B 12 -16.00 25.17 -26.96
C THR B 12 -14.98 25.21 -25.82
N ARG B 13 -14.66 26.41 -25.32
CA ARG B 13 -13.74 26.58 -24.21
C ARG B 13 -14.49 27.07 -23.00
N PHE B 14 -14.09 26.56 -21.83
CA PHE B 14 -14.67 26.96 -20.56
C PHE B 14 -13.60 27.62 -19.70
N ALA B 15 -14.02 28.56 -18.87
CA ALA B 15 -13.08 29.34 -18.06
C ALA B 15 -12.53 28.52 -16.91
N SER B 16 -11.61 29.11 -16.15
CA SER B 16 -11.05 28.49 -14.96
C SER B 16 -11.85 28.99 -13.75
N VAL B 17 -11.79 28.22 -12.66
CA VAL B 17 -12.63 28.50 -11.51
C VAL B 17 -12.25 29.83 -10.87
N TYR B 18 -10.99 30.25 -10.99
CA TYR B 18 -10.61 31.53 -10.41
C TYR B 18 -11.02 32.69 -11.32
N ALA B 19 -10.81 32.56 -12.62
CA ALA B 19 -11.32 33.54 -13.58
C ALA B 19 -12.59 33.02 -14.25
N TRP B 20 -13.66 32.81 -13.49
CA TRP B 20 -14.87 32.22 -14.07
C TRP B 20 -15.55 33.24 -14.98
N ASN B 21 -16.48 32.76 -15.81
CA ASN B 21 -17.11 33.58 -16.83
C ASN B 21 -18.58 33.80 -16.46
N ARG B 22 -18.99 35.06 -16.46
CA ARG B 22 -20.37 35.45 -16.16
C ARG B 22 -21.01 36.07 -17.40
N THR B 23 -22.21 35.61 -17.73
CA THR B 23 -22.93 36.08 -18.92
C THR B 23 -24.37 36.38 -18.51
N ARG B 24 -24.70 37.67 -18.39
CA ARG B 24 -26.07 38.05 -18.10
C ARG B 24 -26.97 37.72 -19.27
N ILE B 25 -28.15 37.17 -18.98
CA ILE B 25 -29.11 36.76 -19.99
C ILE B 25 -30.43 37.48 -19.71
N SER B 26 -30.92 38.23 -20.68
CA SER B 26 -32.16 38.97 -20.55
C SER B 26 -32.70 39.30 -21.94
N ASN B 27 -33.86 39.96 -21.95
CA ASN B 27 -34.51 40.40 -23.20
C ASN B 27 -34.77 39.22 -24.14
N CYS B 28 -35.21 38.10 -23.57
CA CYS B 28 -35.49 36.90 -24.35
C CYS B 28 -36.61 36.13 -23.67
N VAL B 29 -36.89 34.93 -24.19
CA VAL B 29 -37.91 34.05 -23.64
C VAL B 29 -37.22 32.82 -23.08
N ALA B 30 -37.49 32.53 -21.80
CA ALA B 30 -36.84 31.40 -21.15
C ALA B 30 -37.26 30.09 -21.77
N ASP B 31 -36.28 29.21 -22.01
CA ASP B 31 -36.50 27.89 -22.58
C ASP B 31 -35.65 26.89 -21.79
N TYR B 32 -36.24 26.31 -20.75
CA TYR B 32 -35.50 25.39 -19.90
C TYR B 32 -35.58 23.96 -20.42
N SER B 33 -36.58 23.68 -21.26
CA SER B 33 -36.63 22.38 -21.93
C SER B 33 -35.42 22.19 -22.84
N VAL B 34 -35.00 23.25 -23.53
CA VAL B 34 -33.78 23.20 -24.33
C VAL B 34 -32.59 22.87 -23.45
N LEU B 35 -32.54 23.45 -22.25
CA LEU B 35 -31.50 23.14 -21.28
C LEU B 35 -31.53 21.66 -20.89
N TYR B 36 -32.74 21.13 -20.69
CA TYR B 36 -32.87 19.71 -20.37
C TYR B 36 -32.34 18.83 -21.50
N ASN B 37 -32.68 19.17 -22.75
CA ASN B 37 -32.27 18.36 -23.89
C ASN B 37 -30.84 18.71 -24.32
N PHE B 38 -29.91 18.68 -23.38
CA PHE B 38 -28.50 18.92 -23.69
C PHE B 38 -27.64 17.70 -23.41
N ALA B 39 -27.68 17.17 -22.19
CA ALA B 39 -26.82 16.06 -21.79
C ALA B 39 -27.32 15.53 -20.46
N PRO B 40 -27.02 14.25 -20.13
CA PRO B 40 -27.34 13.74 -18.80
C PRO B 40 -26.34 14.24 -17.78
N PHE B 41 -26.78 15.15 -16.92
CA PHE B 41 -25.86 15.88 -16.05
C PHE B 41 -25.46 15.02 -14.86
N PHE B 42 -24.51 15.52 -14.09
CA PHE B 42 -24.05 14.87 -12.88
C PHE B 42 -24.65 15.47 -11.62
N ALA B 43 -25.06 16.73 -11.66
CA ALA B 43 -25.72 17.36 -10.52
C ALA B 43 -26.71 18.38 -11.05
N PHE B 44 -27.89 18.41 -10.41
CA PHE B 44 -28.92 19.37 -10.75
C PHE B 44 -29.56 19.90 -9.47
N LYS B 45 -28.83 19.81 -8.36
CA LYS B 45 -29.37 20.24 -7.08
C LYS B 45 -29.49 21.75 -7.06
N CYS B 46 -30.69 22.27 -7.32
CA CYS B 46 -30.81 23.70 -7.57
C CYS B 46 -31.75 24.33 -6.56
N TYR B 47 -31.14 25.11 -5.66
CA TYR B 47 -31.80 25.64 -4.48
C TYR B 47 -32.64 26.86 -4.82
N GLY B 48 -33.78 27.01 -4.14
CA GLY B 48 -34.63 28.16 -4.34
C GLY B 48 -35.83 27.87 -5.22
N VAL B 49 -35.79 28.31 -6.47
CA VAL B 49 -36.89 28.08 -7.39
C VAL B 49 -36.90 26.62 -7.83
N SER B 50 -38.08 25.98 -7.73
CA SER B 50 -38.22 24.60 -8.13
C SER B 50 -38.14 24.47 -9.66
N PRO B 51 -37.62 23.36 -10.17
CA PRO B 51 -37.57 23.19 -11.63
C PRO B 51 -38.94 23.22 -12.30
N THR B 52 -39.98 22.75 -11.60
CA THR B 52 -41.33 22.75 -12.14
C THR B 52 -41.82 24.17 -12.42
N LYS B 53 -41.56 25.08 -11.49
CA LYS B 53 -42.00 26.47 -11.63
C LYS B 53 -41.05 27.32 -12.46
N LEU B 54 -40.04 26.71 -13.09
CA LEU B 54 -39.11 27.48 -13.91
C LEU B 54 -39.81 28.15 -15.08
N ASN B 55 -40.73 27.44 -15.72
CA ASN B 55 -41.51 27.99 -16.83
C ASN B 55 -42.81 28.63 -16.33
N ASP B 56 -42.82 29.00 -15.04
CA ASP B 56 -44.01 29.64 -14.48
C ASP B 56 -43.67 30.92 -13.71
N LEU B 57 -42.48 31.49 -13.88
CA LEU B 57 -42.10 32.69 -13.16
C LEU B 57 -41.43 33.66 -14.15
N CYS B 58 -41.03 34.82 -13.64
CA CYS B 58 -40.37 35.84 -14.44
C CYS B 58 -39.21 36.41 -13.62
N PHE B 59 -37.99 35.98 -13.92
CA PHE B 59 -36.80 36.46 -13.23
C PHE B 59 -36.16 37.56 -14.08
N THR B 60 -35.92 38.70 -13.44
CA THR B 60 -35.41 39.89 -14.10
C THR B 60 -34.13 39.61 -14.88
N ASN B 61 -33.08 39.18 -14.18
CA ASN B 61 -31.79 38.91 -14.80
C ASN B 61 -31.36 37.48 -14.49
N VAL B 62 -30.83 36.80 -15.51
CA VAL B 62 -30.31 35.45 -15.36
C VAL B 62 -28.81 35.48 -15.59
N TYR B 63 -28.07 34.95 -14.62
CA TYR B 63 -26.61 34.91 -14.68
C TYR B 63 -26.17 33.48 -14.86
N ALA B 64 -25.41 33.22 -15.92
CA ALA B 64 -24.95 31.88 -16.25
C ALA B 64 -23.44 31.83 -16.09
N ASP B 65 -22.98 31.55 -14.88
CA ASP B 65 -21.57 31.34 -14.64
C ASP B 65 -21.13 29.99 -15.17
N SER B 66 -19.84 29.87 -15.49
CA SER B 66 -19.33 28.66 -16.10
C SER B 66 -17.85 28.54 -15.80
N PHE B 67 -17.44 27.36 -15.33
CA PHE B 67 -16.05 27.09 -15.00
C PHE B 67 -15.84 25.58 -14.99
N VAL B 68 -14.59 25.18 -14.78
CA VAL B 68 -14.21 23.77 -14.78
C VAL B 68 -13.51 23.48 -13.45
N ILE B 69 -14.02 22.49 -12.72
CA ILE B 69 -13.44 22.09 -11.44
C ILE B 69 -13.32 20.58 -11.39
N LYS B 70 -12.86 20.05 -10.27
CA LYS B 70 -12.82 18.62 -10.05
C LYS B 70 -14.21 18.09 -9.70
N GLY B 71 -14.32 16.77 -9.58
CA GLY B 71 -15.58 16.18 -9.16
C GLY B 71 -15.85 16.32 -7.68
N ASN B 72 -14.80 16.29 -6.86
CA ASN B 72 -14.97 16.48 -5.41
C ASN B 72 -15.47 17.88 -5.10
N GLU B 73 -14.99 18.87 -5.84
CA GLU B 73 -15.25 20.28 -5.58
C GLU B 73 -16.58 20.76 -6.14
N VAL B 74 -17.35 19.91 -6.83
CA VAL B 74 -18.71 20.29 -7.22
C VAL B 74 -19.61 20.44 -6.01
N SER B 75 -19.42 19.64 -4.97
CA SER B 75 -20.19 19.74 -3.74
C SER B 75 -19.93 21.04 -2.99
N GLN B 76 -18.87 21.76 -3.33
CA GLN B 76 -18.59 23.06 -2.74
C GLN B 76 -19.31 24.19 -3.46
N ILE B 77 -19.94 23.91 -4.61
CA ILE B 77 -20.75 24.91 -5.30
C ILE B 77 -22.16 24.83 -4.75
N ALA B 78 -22.38 25.47 -3.60
CA ALA B 78 -23.66 25.43 -2.90
C ALA B 78 -23.59 26.43 -1.75
N PRO B 79 -24.72 27.00 -1.34
CA PRO B 79 -24.69 27.96 -0.23
C PRO B 79 -24.21 27.30 1.06
N GLY B 80 -23.46 28.06 1.85
CA GLY B 80 -22.97 27.57 3.12
C GLY B 80 -22.01 26.40 3.03
N GLN B 81 -21.05 26.48 2.11
CA GLN B 81 -20.05 25.44 1.95
C GLN B 81 -18.66 26.06 2.07
N THR B 82 -17.70 25.23 2.46
CA THR B 82 -16.33 25.68 2.70
C THR B 82 -15.36 24.81 1.91
N GLY B 83 -14.21 25.38 1.62
CA GLY B 83 -13.18 24.70 0.86
C GLY B 83 -12.36 25.70 0.08
N ASN B 84 -11.47 25.17 -0.76
CA ASN B 84 -10.64 26.02 -1.59
C ASN B 84 -11.45 26.72 -2.67
N ILE B 85 -12.51 26.08 -3.16
CA ILE B 85 -13.33 26.63 -4.22
C ILE B 85 -14.41 27.54 -3.65
N ALA B 86 -14.80 27.29 -2.40
CA ALA B 86 -15.89 28.06 -1.80
C ALA B 86 -15.38 29.17 -0.89
N ASP B 87 -14.08 29.34 -0.75
CA ASP B 87 -13.51 30.42 0.06
C ASP B 87 -12.60 31.35 -0.72
N TYR B 88 -12.00 30.90 -1.81
CA TYR B 88 -11.09 31.72 -2.59
C TYR B 88 -11.48 31.83 -4.07
N ASN B 89 -12.18 30.85 -4.61
CA ASN B 89 -12.45 30.77 -6.04
C ASN B 89 -13.85 31.24 -6.41
N TYR B 90 -14.88 30.62 -5.84
CA TYR B 90 -16.26 30.90 -6.25
C TYR B 90 -17.19 30.62 -5.08
N LYS B 91 -17.68 31.68 -4.44
CA LYS B 91 -18.60 31.56 -3.32
C LYS B 91 -19.99 32.03 -3.74
N LEU B 92 -21.01 31.20 -3.43
CA LEU B 92 -22.41 31.49 -3.68
C LEU B 92 -23.07 32.09 -2.44
N PRO B 93 -24.01 33.02 -2.62
CA PRO B 93 -24.67 33.62 -1.46
C PRO B 93 -25.60 32.63 -0.78
N ASP B 94 -25.88 32.89 0.49
CA ASP B 94 -26.82 32.06 1.24
C ASP B 94 -28.22 32.13 0.67
N ASP B 95 -28.61 33.27 0.11
CA ASP B 95 -29.92 33.44 -0.51
C ASP B 95 -29.81 33.16 -2.00
N PHE B 96 -29.33 31.98 -2.34
CA PHE B 96 -29.07 31.60 -3.72
C PHE B 96 -30.35 31.04 -4.34
N THR B 97 -30.95 31.80 -5.24
CA THR B 97 -32.14 31.36 -5.97
C THR B 97 -31.75 31.17 -7.43
N GLY B 98 -31.23 29.98 -7.73
CA GLY B 98 -30.80 29.64 -9.07
C GLY B 98 -30.58 28.15 -9.17
N CYS B 99 -30.12 27.69 -10.34
CA CYS B 99 -29.81 26.27 -10.48
C CYS B 99 -28.36 26.03 -10.92
N VAL B 100 -27.70 25.11 -10.21
CA VAL B 100 -26.32 24.70 -10.43
C VAL B 100 -26.28 23.46 -11.31
N ILE B 101 -25.94 23.64 -12.60
CA ILE B 101 -25.80 22.50 -13.49
C ILE B 101 -24.33 22.15 -13.67
N ALA B 102 -24.01 20.87 -13.52
CA ALA B 102 -22.61 20.45 -13.57
C ALA B 102 -22.47 19.04 -14.13
N TRP B 103 -22.06 18.92 -15.40
CA TRP B 103 -21.86 17.60 -15.99
C TRP B 103 -20.37 17.26 -16.05
N ASN B 104 -20.08 16.04 -16.49
CA ASN B 104 -18.72 15.59 -16.65
C ASN B 104 -18.21 15.91 -18.05
N SER B 105 -16.94 16.37 -18.12
CA SER B 105 -16.37 16.78 -19.40
C SER B 105 -14.92 16.35 -19.55
N ASN B 106 -14.55 15.19 -19.01
CA ASN B 106 -13.17 14.74 -19.14
C ASN B 106 -12.82 14.41 -20.59
N LYS B 107 -13.84 14.17 -21.42
CA LYS B 107 -13.60 13.87 -22.82
C LYS B 107 -12.97 15.06 -23.54
N LEU B 108 -13.42 16.27 -23.23
CA LEU B 108 -12.97 17.47 -23.92
C LEU B 108 -11.93 18.26 -23.15
N ASP B 109 -11.89 18.15 -21.82
CA ASP B 109 -10.98 18.94 -20.99
C ASP B 109 -9.82 18.11 -20.47
N SER B 110 -9.32 17.17 -21.27
CA SER B 110 -8.16 16.38 -20.92
C SER B 110 -7.25 16.27 -22.14
N LYS B 111 -5.95 16.13 -21.89
CA LYS B 111 -4.96 16.12 -22.95
C LYS B 111 -4.04 14.90 -22.91
N HIS B 112 -4.23 13.98 -21.97
CA HIS B 112 -3.45 12.76 -21.82
C HIS B 112 -2.00 13.02 -21.41
N SER B 113 -1.60 14.28 -21.26
CA SER B 113 -0.25 14.61 -20.82
C SER B 113 -0.24 15.74 -19.80
N GLY B 114 -1.39 16.07 -19.21
CA GLY B 114 -1.47 17.17 -18.28
C GLY B 114 -2.06 18.41 -18.90
N ASN B 115 -3.36 18.66 -18.65
CA ASN B 115 -4.05 19.82 -19.19
C ASN B 115 -3.95 20.95 -18.17
N TYR B 116 -2.79 21.61 -18.17
CA TYR B 116 -2.50 22.67 -17.20
C TYR B 116 -3.09 24.01 -17.59
N ASP B 117 -4.08 24.04 -18.49
CA ASP B 117 -4.72 25.28 -18.88
C ASP B 117 -5.81 25.73 -17.91
N TYR B 118 -6.13 24.92 -16.89
CA TYR B 118 -7.13 25.24 -15.90
C TYR B 118 -6.44 25.45 -14.56
N TRP B 119 -6.66 26.62 -13.96
CA TRP B 119 -5.99 27.00 -12.73
C TRP B 119 -7.03 27.20 -11.62
N TYR B 120 -6.53 27.26 -10.38
CA TYR B 120 -7.36 27.51 -9.22
C TYR B 120 -6.51 28.10 -8.12
N ARG B 121 -7.08 29.04 -7.38
CA ARG B 121 -6.37 29.78 -6.34
C ARG B 121 -6.48 29.01 -5.03
N SER B 122 -5.34 28.61 -4.48
CA SER B 122 -5.31 27.83 -3.24
C SER B 122 -4.86 28.64 -2.03
N LEU B 123 -4.27 29.81 -2.24
CA LEU B 123 -3.80 30.64 -1.14
C LEU B 123 -4.35 32.06 -1.31
N ARG B 124 -4.87 32.62 -0.23
CA ARG B 124 -5.38 33.98 -0.25
C ARG B 124 -5.37 34.52 1.18
N LYS B 125 -5.05 35.81 1.31
CA LYS B 125 -5.00 36.43 2.63
C LYS B 125 -6.37 36.42 3.30
N SER B 126 -7.42 36.70 2.54
CA SER B 126 -8.78 36.77 3.07
C SER B 126 -9.70 35.94 2.19
N LYS B 127 -10.82 35.51 2.79
CA LYS B 127 -11.79 34.69 2.06
C LYS B 127 -12.52 35.53 1.02
N LEU B 128 -13.32 34.85 0.20
CA LEU B 128 -14.00 35.47 -0.93
C LEU B 128 -15.46 35.70 -0.58
N LYS B 129 -15.91 36.95 -0.71
CA LYS B 129 -17.31 37.28 -0.53
C LYS B 129 -18.12 36.76 -1.72
N PRO B 130 -19.43 36.59 -1.55
CA PRO B 130 -20.24 35.96 -2.62
C PRO B 130 -20.16 36.71 -3.94
N PHE B 131 -20.08 35.94 -5.03
CA PHE B 131 -20.09 36.46 -6.39
C PHE B 131 -19.00 37.50 -6.61
N GLU B 132 -17.81 37.22 -6.10
CA GLU B 132 -16.64 38.08 -6.27
C GLU B 132 -15.59 37.35 -7.08
N ARG B 133 -14.99 38.06 -8.03
CA ARG B 133 -13.96 37.52 -8.92
C ARG B 133 -12.65 38.22 -8.63
N ASP B 134 -11.61 37.44 -8.33
CA ASP B 134 -10.29 37.97 -8.07
C ASP B 134 -9.27 37.26 -8.95
N ILE B 135 -8.59 38.03 -9.80
CA ILE B 135 -7.54 37.50 -10.67
C ILE B 135 -6.31 38.36 -10.44
N SER B 136 -5.45 37.94 -9.51
CA SER B 136 -4.22 38.66 -9.20
C SER B 136 -3.17 37.63 -8.85
N THR B 137 -2.19 37.47 -9.74
CA THR B 137 -1.10 36.50 -9.54
C THR B 137 0.04 37.12 -8.74
N GLU B 138 -0.29 37.68 -7.58
CA GLU B 138 0.72 38.22 -6.67
C GLU B 138 1.18 37.12 -5.72
N ILE B 139 2.49 37.02 -5.54
CA ILE B 139 3.04 35.96 -4.69
C ILE B 139 2.55 36.13 -3.25
N TYR B 140 2.14 35.02 -2.65
CA TYR B 140 1.53 35.02 -1.33
C TYR B 140 2.61 34.96 -0.25
N GLN B 141 2.59 35.92 0.67
CA GLN B 141 3.60 36.01 1.72
C GLN B 141 3.13 35.23 2.93
N ALA B 142 3.51 33.94 2.98
CA ALA B 142 3.17 33.12 4.13
C ALA B 142 4.05 33.42 5.33
N GLY B 143 5.33 33.76 5.10
CA GLY B 143 6.26 34.03 6.17
C GLY B 143 6.13 35.45 6.69
N ASN B 144 7.03 35.78 7.62
CA ASN B 144 7.05 37.09 8.26
C ASN B 144 8.03 38.06 7.58
N LYS B 145 8.68 37.65 6.50
CA LYS B 145 9.63 38.51 5.80
C LYS B 145 9.03 39.01 4.49
N PRO B 146 9.44 40.19 4.02
CA PRO B 146 8.95 40.68 2.73
C PRO B 146 9.31 39.71 1.62
N CYS B 147 8.41 39.60 0.64
CA CYS B 147 8.57 38.68 -0.47
C CYS B 147 9.36 39.35 -1.58
N LYS B 148 10.43 38.67 -2.03
CA LYS B 148 11.28 39.18 -3.11
C LYS B 148 11.11 38.40 -4.41
N GLY B 149 10.13 37.50 -4.48
CA GLY B 149 9.92 36.72 -5.68
C GLY B 149 10.23 35.24 -5.48
N LYS B 150 9.19 34.44 -5.25
CA LYS B 150 9.30 33.01 -4.99
C LYS B 150 10.25 32.81 -3.80
N GLY B 151 10.92 31.66 -3.74
CA GLY B 151 11.81 31.36 -2.65
C GLY B 151 11.05 30.89 -1.42
N PRO B 152 11.74 30.80 -0.29
CA PRO B 152 11.09 30.33 0.94
C PRO B 152 9.98 31.28 1.38
N ASN B 153 8.88 30.69 1.84
CA ASN B 153 7.74 31.42 2.41
C ASN B 153 7.18 32.46 1.46
N CYS B 154 7.30 32.22 0.15
CA CYS B 154 6.72 33.09 -0.86
C CYS B 154 6.29 32.20 -2.03
N TYR B 155 5.01 31.82 -2.03
CA TYR B 155 4.49 30.86 -2.98
C TYR B 155 3.56 31.53 -3.98
N PHE B 156 3.62 31.06 -5.22
CA PHE B 156 2.67 31.50 -6.23
C PHE B 156 1.27 31.05 -5.84
N PRO B 157 0.28 31.94 -5.86
CA PRO B 157 -1.04 31.58 -5.33
C PRO B 157 -1.78 30.52 -6.15
N LEU B 158 -1.98 30.76 -7.45
CA LEU B 158 -2.77 29.89 -8.36
C LEU B 158 -2.07 28.57 -8.62
N GLU B 159 -2.73 27.45 -8.37
CA GLU B 159 -2.17 26.13 -8.59
C GLU B 159 -2.96 25.43 -9.66
N SER B 160 -2.35 24.87 -10.69
CA SER B 160 -3.03 24.32 -11.87
C SER B 160 -3.66 22.96 -11.65
N TYR B 161 -4.72 22.69 -12.37
CA TYR B 161 -5.46 21.44 -12.19
C TYR B 161 -5.02 20.60 -13.30
N GLY B 162 -3.99 19.86 -13.09
CA GLY B 162 -3.42 18.91 -14.03
C GLY B 162 -4.42 17.83 -14.33
N PHE B 163 -5.03 17.86 -15.52
CA PHE B 163 -6.12 16.96 -15.87
C PHE B 163 -5.62 15.89 -16.83
N ARG B 164 -6.08 14.66 -16.60
CA ARG B 164 -5.76 13.53 -17.45
C ARG B 164 -6.99 12.63 -17.57
N PRO B 165 -7.18 11.97 -18.71
CA PRO B 165 -8.36 11.10 -18.87
C PRO B 165 -8.34 9.89 -17.96
N THR B 166 -7.18 9.49 -17.46
CA THR B 166 -7.08 8.30 -16.62
C THR B 166 -7.47 8.56 -15.17
N TYR B 167 -7.75 9.82 -14.82
CA TYR B 167 -8.18 10.12 -13.46
C TYR B 167 -9.53 9.47 -13.17
N GLY B 168 -9.70 9.04 -11.92
CA GLY B 168 -10.97 8.49 -11.50
C GLY B 168 -12.01 9.58 -11.34
N VAL B 169 -13.27 9.15 -11.26
CA VAL B 169 -14.36 10.10 -11.06
C VAL B 169 -14.17 10.82 -9.75
N GLY B 170 -14.22 12.15 -9.80
CA GLY B 170 -13.92 13.00 -8.67
C GLY B 170 -12.71 13.90 -8.90
N HIS B 171 -11.76 13.46 -9.74
CA HIS B 171 -10.66 14.30 -10.17
C HIS B 171 -10.75 14.67 -11.65
N GLN B 172 -11.75 14.17 -12.36
CA GLN B 172 -11.94 14.53 -13.75
C GLN B 172 -12.56 15.92 -13.85
N PRO B 173 -12.37 16.60 -14.98
CA PRO B 173 -12.97 17.94 -15.13
C PRO B 173 -14.49 17.87 -15.10
N TYR B 174 -15.10 18.90 -14.52
CA TYR B 174 -16.55 19.00 -14.43
C TYR B 174 -16.94 20.42 -14.81
N ARG B 175 -17.53 20.59 -16.00
CA ARG B 175 -17.97 21.90 -16.47
C ARG B 175 -19.23 22.29 -15.69
N VAL B 176 -19.05 23.11 -14.67
CA VAL B 176 -20.18 23.55 -13.84
C VAL B 176 -20.78 24.82 -14.43
N VAL B 177 -22.10 24.82 -14.56
CA VAL B 177 -22.81 25.99 -15.05
C VAL B 177 -23.96 26.31 -14.11
N VAL B 178 -23.75 27.25 -13.18
CA VAL B 178 -24.84 27.69 -12.31
C VAL B 178 -25.68 28.69 -13.07
N LEU B 179 -26.96 28.76 -12.73
CA LEU B 179 -27.91 29.64 -13.41
C LEU B 179 -28.66 30.45 -12.35
N SER B 180 -28.05 31.55 -11.93
CA SER B 180 -28.65 32.38 -10.89
C SER B 180 -29.85 33.16 -11.44
N PHE B 181 -30.83 33.39 -10.56
CA PHE B 181 -32.04 34.11 -10.92
C PHE B 181 -32.22 35.27 -9.94
N GLU B 182 -31.75 36.45 -10.33
CA GLU B 182 -31.88 37.64 -9.50
C GLU B 182 -33.19 38.35 -9.81
N LEU B 183 -33.75 38.98 -8.78
CA LEU B 183 -35.04 39.67 -8.89
C LEU B 183 -34.91 41.09 -8.35
N LEU B 184 -35.52 42.05 -9.03
CA LEU B 184 -35.53 43.43 -8.58
C LEU B 184 -36.92 44.03 -8.72
N HIS B 185 -37.05 45.33 -8.48
CA HIS B 185 -38.32 46.02 -8.64
C HIS B 185 -38.58 46.46 -10.07
N ALA B 186 -37.62 46.23 -10.99
CA ALA B 186 -37.81 46.57 -12.39
C ALA B 186 -38.85 45.65 -13.01
N PRO B 187 -39.48 46.08 -14.11
CA PRO B 187 -40.45 45.22 -14.78
C PRO B 187 -39.81 43.92 -15.26
N ALA B 188 -40.61 42.86 -15.27
CA ALA B 188 -40.13 41.54 -15.65
C ALA B 188 -39.55 41.57 -17.06
N THR B 189 -38.37 40.96 -17.23
CA THR B 189 -37.66 40.94 -18.50
C THR B 189 -37.63 39.56 -19.13
N VAL B 190 -37.29 38.53 -18.35
CA VAL B 190 -37.23 37.17 -18.86
C VAL B 190 -38.51 36.44 -18.45
N CYS B 191 -39.32 36.06 -19.44
CA CYS B 191 -40.53 35.31 -19.20
C CYS B 191 -40.68 34.26 -20.30
N GLY B 192 -41.29 33.13 -19.95
CA GLY B 192 -41.46 32.05 -20.88
C GLY B 192 -42.73 31.25 -20.61
N PRO B 193 -43.46 30.92 -21.68
CA PRO B 193 -44.70 30.14 -21.58
C PRO B 193 -44.44 28.64 -21.50
C1 NAG C . -23.45 21.52 -29.14
C2 NAG C . -23.23 21.81 -30.62
C3 NAG C . -23.36 20.53 -31.44
C4 NAG C . -22.43 19.46 -30.88
C5 NAG C . -22.66 19.28 -29.37
C6 NAG C . -21.68 18.32 -28.74
C7 NAG C . -23.78 23.88 -31.85
C8 NAG C . -22.32 23.97 -32.16
N2 NAG C . -24.16 22.82 -31.11
O3 NAG C . -23.02 20.80 -32.80
O4 NAG C . -22.67 18.22 -31.54
O5 NAG C . -22.51 20.53 -28.70
O6 NAG C . -21.24 18.78 -27.48
O7 NAG C . -24.59 24.71 -32.24
C1 NAG D . -15.22 35.10 -20.69
C2 NAG D . -13.71 35.32 -20.84
C3 NAG D . -13.42 36.31 -21.95
C4 NAG D . -14.09 35.88 -23.24
C5 NAG D . -15.59 35.63 -23.01
C6 NAG D . -16.29 35.07 -24.22
C7 NAG D . -12.56 34.95 -18.70
C8 NAG D . -12.02 35.59 -17.46
N2 NAG D . -13.14 35.77 -19.58
O3 NAG D . -12.02 36.41 -22.14
O4 NAG D . -13.93 36.87 -24.24
O5 NAG D . -15.76 34.68 -21.95
O6 NAG D . -17.52 34.44 -23.86
O7 NAG D . -12.47 33.74 -18.90
#